data_1DJP
#
_entry.id   1DJP
#
_cell.length_a   78.510
_cell.length_b   135.910
_cell.length_c   137.580
_cell.angle_alpha   90.00
_cell.angle_beta   90.00
_cell.angle_gamma   90.00
#
_symmetry.space_group_name_H-M   'C 2 2 21'
#
loop_
_entity.id
_entity.type
_entity.pdbx_description
1 polymer GLUTAMINASE-ASPARAGINASE
2 non-polymer 5,5-dihydroxy-6-oxo-L-norleucine
3 water water
#
_entity_poly.entity_id   1
_entity_poly.type   'polypeptide(L)'
_entity_poly.pdbx_seq_one_letter_code
;KLANVVILATGGTIAGAGASAANSATYQAAKVGVDKLIAGVPELADLANVRGEQVMQIASESITNDDLLKLGKRVAELAD
SNDVDGIVITHGTDTLEETAYFLNLVQKTDKPIVVVGSMRPGTAMSADGMLNLYNAVAVASNKDSRGKGVLVTMNDEIQS
GRDVSKSINIKTEAFKSAWGPLGMVVEGKSYWFRLPAKRHTVNSEFDIKQISSLPQVDIAYSYGNVTDTAYKALAQNGAK
ALIHAGTGNGSVSSRVVPALQQLRKNGTQIIRSSHVNQGGFVLRNAEQPDDKNDWVVAHDLNPEKARILAMVAMTKTQDS
KELQRIFWEY
;
_entity_poly.pdbx_strand_id   A,B
#
# COMPACT_ATOMS: atom_id res chain seq x y z
N LYS A 1 -3.54 17.79 -42.11
CA LYS A 1 -4.17 16.49 -41.71
C LYS A 1 -3.70 16.09 -40.32
N LEU A 2 -3.57 17.07 -39.44
CA LEU A 2 -3.15 16.81 -38.07
C LEU A 2 -4.38 16.42 -37.26
N ALA A 3 -4.24 15.42 -36.39
CA ALA A 3 -5.34 14.97 -35.56
C ALA A 3 -5.80 16.06 -34.59
N ASN A 4 -7.06 15.98 -34.18
CA ASN A 4 -7.64 16.95 -33.25
C ASN A 4 -7.67 16.36 -31.85
N VAL A 5 -6.90 16.97 -30.96
CA VAL A 5 -6.81 16.50 -29.58
C VAL A 5 -7.31 17.56 -28.61
N VAL A 6 -8.18 17.15 -27.70
CA VAL A 6 -8.72 18.05 -26.70
C VAL A 6 -8.06 17.75 -25.35
N ILE A 7 -7.58 18.79 -24.69
CA ILE A 7 -6.97 18.64 -23.39
C ILE A 7 -8.00 19.08 -22.34
N LEU A 8 -8.42 18.14 -21.49
CA LEU A 8 -9.39 18.38 -20.42
C LEU A 8 -8.64 18.59 -19.10
N ALA A 9 -8.48 19.85 -18.71
CA ALA A 9 -7.78 20.21 -17.47
C ALA A 9 -8.62 20.10 -16.20
N THR A 10 -8.04 19.50 -15.16
CA THR A 10 -8.73 19.33 -13.89
C THR A 10 -7.93 19.83 -12.69
N GLY A 11 -6.74 20.37 -12.95
CA GLY A 11 -5.89 20.88 -11.87
C GLY A 11 -4.65 20.01 -11.65
N GLY A 12 -4.26 19.87 -10.39
CA GLY A 12 -3.10 19.04 -10.07
C GLY A 12 -1.76 19.76 -10.00
N THR A 13 -0.68 18.98 -9.93
CA THR A 13 0.67 19.54 -9.85
C THR A 13 1.19 20.16 -11.14
N ILE A 14 0.71 19.66 -12.28
CA ILE A 14 1.13 20.18 -13.59
C ILE A 14 0.79 21.67 -13.68
N ALA A 15 -0.39 22.01 -13.15
CA ALA A 15 -0.88 23.38 -13.11
C ALA A 15 -0.58 23.97 -11.72
N GLY A 16 0.37 23.37 -11.01
CA GLY A 16 0.74 23.83 -9.68
C GLY A 16 1.78 24.93 -9.70
N ALA A 17 2.08 25.48 -8.52
CA ALA A 17 3.05 26.56 -8.42
C ALA A 17 3.77 26.58 -7.08
N GLY A 18 5.10 26.64 -7.14
CA GLY A 18 5.92 26.69 -5.94
C GLY A 18 6.46 28.09 -5.73
N ALA A 19 7.02 28.33 -4.55
CA ALA A 19 7.59 29.63 -4.20
C ALA A 19 8.85 29.97 -5.00
N SER A 20 9.63 28.95 -5.34
CA SER A 20 10.86 29.15 -6.10
C SER A 20 11.12 28.01 -7.09
N ALA A 21 12.27 28.08 -7.76
CA ALA A 21 12.67 27.06 -8.72
C ALA A 21 13.22 25.84 -8.00
N ALA A 22 13.68 26.04 -6.77
CA ALA A 22 14.22 24.97 -5.94
C ALA A 22 13.11 24.16 -5.26
N ASN A 23 11.86 24.63 -5.38
CA ASN A 23 10.71 23.95 -4.78
C ASN A 23 10.08 22.92 -5.72
N SER A 24 10.48 21.66 -5.57
CA SER A 24 9.99 20.58 -6.40
C SER A 24 8.94 19.71 -5.68
N ALA A 25 8.85 19.83 -4.36
CA ALA A 25 7.90 19.03 -3.60
C ALA A 25 6.90 19.83 -2.76
N THR A 26 7.28 21.06 -2.38
CA THR A 26 6.43 21.96 -1.59
C THR A 26 5.87 23.01 -2.53
N TYR A 27 4.56 22.95 -2.79
CA TYR A 27 3.93 23.89 -3.71
C TYR A 27 2.40 23.82 -3.57
N GLN A 28 1.72 24.65 -4.35
CA GLN A 28 0.26 24.69 -4.36
C GLN A 28 -0.24 24.25 -5.73
N ALA A 29 -1.10 23.22 -5.72
CA ALA A 29 -1.67 22.67 -6.94
C ALA A 29 -2.83 23.52 -7.45
N ALA A 30 -3.25 23.26 -8.68
CA ALA A 30 -4.37 23.94 -9.33
C ALA A 30 -4.29 25.47 -9.34
N LYS A 31 -3.15 25.99 -9.78
CA LYS A 31 -2.92 27.43 -9.85
C LYS A 31 -2.85 27.97 -11.26
N VAL A 32 -2.54 27.10 -12.23
CA VAL A 32 -2.40 27.49 -13.62
C VAL A 32 -3.56 27.03 -14.51
N GLY A 33 -3.91 27.87 -15.49
CA GLY A 33 -5.00 27.56 -16.40
C GLY A 33 -4.63 26.62 -17.54
N VAL A 34 -5.63 26.16 -18.29
CA VAL A 34 -5.40 25.24 -19.39
C VAL A 34 -4.61 25.82 -20.58
N ASP A 35 -4.97 27.02 -21.03
CA ASP A 35 -4.23 27.62 -22.15
C ASP A 35 -2.87 28.19 -21.76
N LYS A 36 -2.59 28.25 -20.47
CA LYS A 36 -1.29 28.72 -20.00
C LYS A 36 -0.38 27.49 -20.07
N LEU A 37 -0.95 26.32 -19.84
CA LEU A 37 -0.23 25.06 -19.91
C LEU A 37 0.13 24.78 -21.36
N ILE A 38 -0.85 24.99 -22.24
CA ILE A 38 -0.68 24.77 -23.68
C ILE A 38 0.34 25.74 -24.28
N ALA A 39 0.38 26.96 -23.74
CA ALA A 39 1.31 27.98 -24.22
C ALA A 39 2.76 27.69 -23.82
N GLY A 40 2.94 26.91 -22.76
CA GLY A 40 4.27 26.57 -22.29
C GLY A 40 4.94 25.50 -23.12
N VAL A 41 4.13 24.78 -23.91
CA VAL A 41 4.63 23.73 -24.78
C VAL A 41 4.22 24.04 -26.22
N PRO A 42 4.90 25.01 -26.86
CA PRO A 42 4.61 25.41 -28.24
C PRO A 42 4.75 24.27 -29.24
N GLU A 43 5.70 23.38 -28.99
CA GLU A 43 5.96 22.22 -29.85
C GLU A 43 4.72 21.33 -29.98
N LEU A 44 3.74 21.55 -29.12
CA LEU A 44 2.51 20.77 -29.13
C LEU A 44 1.85 20.87 -30.50
N ALA A 45 1.98 22.05 -31.12
CA ALA A 45 1.41 22.31 -32.43
C ALA A 45 1.90 21.36 -33.51
N ASP A 46 3.17 20.96 -33.42
CA ASP A 46 3.78 20.05 -34.39
C ASP A 46 3.03 18.72 -34.40
N LEU A 47 2.69 18.24 -33.21
CA LEU A 47 1.99 16.97 -33.04
C LEU A 47 0.53 16.96 -33.50
N ALA A 48 -0.23 17.99 -33.15
CA ALA A 48 -1.64 18.03 -33.54
C ALA A 48 -2.33 19.37 -33.29
N ASN A 49 -3.61 19.41 -33.65
CA ASN A 49 -4.45 20.59 -33.44
C ASN A 49 -5.03 20.40 -32.05
N VAL A 50 -4.57 21.21 -31.09
CA VAL A 50 -5.02 21.08 -29.71
C VAL A 50 -5.96 22.17 -29.20
N ARG A 51 -7.03 21.74 -28.55
CA ARG A 51 -8.04 22.64 -27.97
C ARG A 51 -8.04 22.41 -26.46
N GLY A 52 -8.01 23.51 -25.70
CA GLY A 52 -8.00 23.43 -24.24
C GLY A 52 -9.34 23.65 -23.58
N GLU A 53 -9.60 22.91 -22.50
CA GLU A 53 -10.85 23.02 -21.77
C GLU A 53 -10.65 22.80 -20.28
N GLN A 54 -11.05 23.80 -19.49
CA GLN A 54 -10.93 23.71 -18.04
C GLN A 54 -12.23 23.16 -17.47
N VAL A 55 -12.21 21.88 -17.07
CA VAL A 55 -13.39 21.24 -16.50
C VAL A 55 -13.54 21.58 -15.00
N MET A 56 -12.40 21.65 -14.31
CA MET A 56 -12.34 21.98 -12.89
C MET A 56 -10.89 22.32 -12.54
N GLN A 57 -10.69 22.94 -11.38
CA GLN A 57 -9.36 23.33 -10.90
C GLN A 57 -9.21 22.84 -9.47
N ILE A 58 -9.02 21.53 -9.30
CA ILE A 58 -8.92 20.95 -7.96
C ILE A 58 -7.67 20.11 -7.70
N ALA A 59 -7.45 19.85 -6.42
CA ALA A 59 -6.36 19.00 -5.97
C ALA A 59 -7.05 17.64 -5.90
N SER A 60 -6.57 16.69 -6.69
CA SER A 60 -7.15 15.35 -6.79
C SER A 60 -7.48 14.61 -5.49
N GLU A 61 -6.79 14.91 -4.39
CA GLU A 61 -7.10 14.23 -3.14
C GLU A 61 -8.48 14.66 -2.60
N SER A 62 -8.99 15.77 -3.13
CA SER A 62 -10.28 16.33 -2.74
C SER A 62 -11.36 16.10 -3.79
N ILE A 63 -11.16 15.10 -4.63
CA ILE A 63 -12.12 14.77 -5.68
C ILE A 63 -13.34 14.03 -5.10
N THR A 64 -14.51 14.25 -5.72
CA THR A 64 -15.75 13.61 -5.28
C THR A 64 -16.36 12.76 -6.39
N ASN A 65 -17.31 11.89 -6.02
CA ASN A 65 -17.99 11.03 -6.96
C ASN A 65 -18.68 11.81 -8.07
N ASP A 66 -19.15 13.02 -7.76
CA ASP A 66 -19.82 13.86 -8.74
C ASP A 66 -18.81 14.45 -9.74
N ASP A 67 -17.59 14.72 -9.27
CA ASP A 67 -16.54 15.23 -10.13
C ASP A 67 -16.22 14.18 -11.16
N LEU A 68 -16.22 12.92 -10.72
CA LEU A 68 -15.96 11.79 -11.61
C LEU A 68 -17.01 11.69 -12.71
N LEU A 69 -18.27 11.83 -12.32
CA LEU A 69 -19.38 11.76 -13.28
C LEU A 69 -19.36 12.91 -14.27
N LYS A 70 -19.01 14.10 -13.80
CA LYS A 70 -18.93 15.30 -14.64
C LYS A 70 -17.88 15.09 -15.73
N LEU A 71 -16.68 14.68 -15.30
CA LEU A 71 -15.56 14.44 -16.20
C LEU A 71 -15.90 13.29 -17.14
N GLY A 72 -16.46 12.22 -16.58
CA GLY A 72 -16.82 11.06 -17.36
C GLY A 72 -17.84 11.36 -18.45
N LYS A 73 -18.75 12.28 -18.17
CA LYS A 73 -19.76 12.67 -19.15
C LYS A 73 -19.22 13.64 -20.18
N ARG A 74 -18.33 14.54 -19.76
CA ARG A 74 -17.72 15.49 -20.67
C ARG A 74 -16.82 14.74 -21.66
N VAL A 75 -16.19 13.66 -21.20
CA VAL A 75 -15.32 12.84 -22.05
C VAL A 75 -16.16 12.10 -23.09
N ALA A 76 -17.30 11.56 -22.65
CA ALA A 76 -18.23 10.83 -23.53
C ALA A 76 -18.72 11.71 -24.67
N GLU A 77 -19.06 12.96 -24.35
CA GLU A 77 -19.54 13.93 -25.34
C GLU A 77 -18.47 14.19 -26.40
N LEU A 78 -17.23 14.39 -25.94
CA LEU A 78 -16.13 14.64 -26.84
C LEU A 78 -15.80 13.43 -27.69
N ALA A 79 -15.96 12.24 -27.11
CA ALA A 79 -15.68 10.98 -27.78
C ALA A 79 -16.61 10.72 -28.96
N ASP A 80 -17.86 11.18 -28.86
CA ASP A 80 -18.85 10.99 -29.92
C ASP A 80 -18.75 11.99 -31.07
N SER A 81 -18.02 13.07 -30.83
CA SER A 81 -17.80 14.10 -31.85
C SER A 81 -16.76 13.64 -32.85
N ASN A 82 -16.99 13.93 -34.13
CA ASN A 82 -16.04 13.56 -35.18
C ASN A 82 -14.90 14.56 -35.29
N ASP A 83 -15.01 15.66 -34.56
CA ASP A 83 -13.98 16.69 -34.56
C ASP A 83 -12.94 16.41 -33.46
N VAL A 84 -13.08 15.27 -32.79
CA VAL A 84 -12.18 14.86 -31.73
C VAL A 84 -11.59 13.49 -32.06
N ASP A 85 -10.26 13.39 -32.07
CA ASP A 85 -9.58 12.13 -32.36
C ASP A 85 -8.99 11.48 -31.11
N GLY A 86 -8.49 12.32 -30.21
CA GLY A 86 -7.89 11.83 -28.99
C GLY A 86 -8.16 12.78 -27.83
N ILE A 87 -8.20 12.24 -26.62
CA ILE A 87 -8.49 13.04 -25.43
C ILE A 87 -7.42 12.95 -24.34
N VAL A 88 -6.87 14.11 -23.95
CA VAL A 88 -5.85 14.18 -22.89
C VAL A 88 -6.45 14.88 -21.68
N ILE A 89 -6.27 14.29 -20.50
CA ILE A 89 -6.78 14.84 -19.26
C ILE A 89 -5.65 15.09 -18.28
N THR A 90 -5.39 16.35 -17.95
CA THR A 90 -4.37 16.69 -16.96
C THR A 90 -5.05 16.50 -15.61
N HIS A 91 -4.46 15.67 -14.76
CA HIS A 91 -5.06 15.33 -13.47
C HIS A 91 -4.03 15.21 -12.35
N GLY A 92 -4.42 15.62 -11.15
CA GLY A 92 -3.55 15.52 -9.99
C GLY A 92 -3.15 14.07 -9.79
N THR A 93 -1.87 13.84 -9.53
CA THR A 93 -1.32 12.50 -9.35
C THR A 93 -1.90 11.66 -8.20
N ASP A 94 -2.35 12.32 -7.14
CA ASP A 94 -2.88 11.64 -5.98
C ASP A 94 -3.96 10.60 -6.20
N THR A 95 -4.99 10.95 -6.99
CA THR A 95 -6.06 10.01 -7.27
C THR A 95 -6.19 9.76 -8.76
N LEU A 96 -5.11 10.00 -9.50
CA LEU A 96 -5.09 9.80 -10.96
C LEU A 96 -5.37 8.35 -11.32
N GLU A 97 -4.83 7.43 -10.52
CA GLU A 97 -5.04 6.00 -10.75
C GLU A 97 -6.51 5.59 -10.61
N GLU A 98 -7.27 6.32 -9.79
CA GLU A 98 -8.68 6.03 -9.57
C GLU A 98 -9.50 6.50 -10.74
N THR A 99 -9.29 7.76 -11.15
CA THR A 99 -10.00 8.33 -12.27
C THR A 99 -9.69 7.58 -13.56
N ALA A 100 -8.40 7.33 -13.80
CA ALA A 100 -7.98 6.63 -15.00
C ALA A 100 -8.68 5.28 -15.13
N TYR A 101 -8.84 4.57 -14.02
CA TYR A 101 -9.50 3.26 -14.04
C TYR A 101 -11.02 3.41 -14.25
N PHE A 102 -11.59 4.45 -13.68
CA PHE A 102 -13.02 4.72 -13.80
C PHE A 102 -13.35 4.88 -15.28
N LEU A 103 -12.59 5.75 -15.95
CA LEU A 103 -12.76 6.03 -17.36
C LEU A 103 -12.52 4.80 -18.23
N ASN A 104 -11.61 3.92 -17.79
CA ASN A 104 -11.30 2.68 -18.50
C ASN A 104 -12.50 1.74 -18.49
N LEU A 105 -13.34 1.88 -17.47
CA LEU A 105 -14.51 1.04 -17.30
C LEU A 105 -15.79 1.58 -17.91
N VAL A 106 -15.97 2.90 -17.90
CA VAL A 106 -17.22 3.49 -18.39
C VAL A 106 -17.25 4.21 -19.74
N GLN A 107 -16.09 4.43 -20.36
CA GLN A 107 -16.06 5.10 -21.65
C GLN A 107 -16.10 4.12 -22.80
N LYS A 108 -17.25 4.04 -23.45
CA LYS A 108 -17.46 3.14 -24.57
C LYS A 108 -16.93 3.74 -25.87
N THR A 109 -15.60 3.75 -26.03
CA THR A 109 -14.97 4.31 -27.22
C THR A 109 -13.58 3.74 -27.41
N ASP A 110 -13.11 3.68 -28.66
CA ASP A 110 -11.78 3.18 -28.95
C ASP A 110 -10.81 4.34 -29.18
N LYS A 111 -11.33 5.57 -29.16
CA LYS A 111 -10.49 6.75 -29.32
C LYS A 111 -9.61 6.85 -28.08
N PRO A 112 -8.34 7.24 -28.28
CA PRO A 112 -7.38 7.36 -27.18
C PRO A 112 -7.79 8.33 -26.08
N ILE A 113 -7.69 7.86 -24.85
CA ILE A 113 -7.96 8.67 -23.67
C ILE A 113 -6.69 8.52 -22.83
N VAL A 114 -5.97 9.62 -22.68
CA VAL A 114 -4.72 9.63 -21.94
C VAL A 114 -4.77 10.57 -20.75
N VAL A 115 -4.50 10.03 -19.57
CA VAL A 115 -4.49 10.83 -18.35
C VAL A 115 -3.02 11.10 -18.01
N VAL A 116 -2.71 12.35 -17.70
CA VAL A 116 -1.34 12.72 -17.38
C VAL A 116 -1.23 13.71 -16.23
N GLY A 117 -0.12 13.62 -15.49
CA GLY A 117 0.16 14.51 -14.38
C GLY A 117 1.65 14.75 -14.29
N SER A 118 2.11 15.26 -13.15
CA SER A 118 3.53 15.50 -12.96
C SER A 118 3.87 15.52 -11.47
N MET A 119 5.10 15.16 -11.13
CA MET A 119 5.52 15.13 -9.74
C MET A 119 6.10 16.45 -9.25
N ARG A 120 6.47 17.30 -10.20
CA ARG A 120 7.04 18.60 -9.87
C ARG A 120 6.23 19.71 -10.51
N PRO A 121 6.05 20.83 -9.78
CA PRO A 121 5.30 21.95 -10.30
C PRO A 121 6.07 22.61 -11.43
N GLY A 122 5.35 23.19 -12.39
CA GLY A 122 5.98 23.84 -13.52
C GLY A 122 6.94 24.96 -13.17
N THR A 123 6.89 25.46 -11.93
CA THR A 123 7.75 26.53 -11.48
C THR A 123 9.11 26.04 -10.97
N ALA A 124 9.22 24.72 -10.81
CA ALA A 124 10.43 24.09 -10.30
C ALA A 124 11.49 23.79 -11.37
N MET A 125 12.71 23.54 -10.90
CA MET A 125 13.82 23.18 -11.79
C MET A 125 13.57 21.77 -12.30
N SER A 126 13.81 21.55 -13.59
CA SER A 126 13.62 20.23 -14.17
C SER A 126 12.22 19.69 -13.95
N ALA A 127 11.22 20.56 -14.06
CA ALA A 127 9.82 20.17 -13.89
C ALA A 127 9.50 19.12 -14.95
N ASP A 128 8.81 18.05 -14.54
CA ASP A 128 8.46 16.95 -15.44
C ASP A 128 7.18 17.10 -16.24
N GLY A 129 6.46 18.19 -16.00
CA GLY A 129 5.20 18.43 -16.67
C GLY A 129 5.19 18.64 -18.17
N MET A 130 6.05 19.51 -18.68
CA MET A 130 6.09 19.81 -20.11
C MET A 130 6.27 18.59 -21.02
N LEU A 131 7.25 17.75 -20.72
CA LEU A 131 7.49 16.55 -21.52
C LEU A 131 6.33 15.56 -21.36
N ASN A 132 5.78 15.49 -20.14
CA ASN A 132 4.65 14.60 -19.87
C ASN A 132 3.45 14.99 -20.74
N LEU A 133 3.20 16.29 -20.87
CA LEU A 133 2.08 16.78 -21.66
C LEU A 133 2.32 16.51 -23.13
N TYR A 134 3.56 16.74 -23.56
CA TYR A 134 3.97 16.51 -24.95
C TYR A 134 3.75 15.05 -25.36
N ASN A 135 4.18 14.13 -24.49
CA ASN A 135 4.02 12.69 -24.75
C ASN A 135 2.55 12.31 -24.76
N ALA A 136 1.77 12.96 -23.89
CA ALA A 136 0.33 12.70 -23.79
C ALA A 136 -0.37 12.96 -25.12
N VAL A 137 -0.10 14.13 -25.70
CA VAL A 137 -0.68 14.52 -26.98
C VAL A 137 -0.10 13.63 -28.07
N ALA A 138 1.18 13.28 -27.94
CA ALA A 138 1.83 12.42 -28.93
C ALA A 138 1.12 11.08 -28.99
N VAL A 139 0.78 10.54 -27.82
CA VAL A 139 0.10 9.25 -27.72
C VAL A 139 -1.38 9.34 -28.12
N ALA A 140 -2.03 10.45 -27.77
CA ALA A 140 -3.45 10.66 -28.09
C ALA A 140 -3.68 10.88 -29.59
N SER A 141 -2.70 11.48 -30.26
CA SER A 141 -2.81 11.75 -31.69
C SER A 141 -2.35 10.57 -32.55
N ASN A 142 -1.87 9.51 -31.89
CA ASN A 142 -1.39 8.32 -32.58
C ASN A 142 -2.49 7.27 -32.77
N LYS A 143 -2.69 6.87 -34.03
CA LYS A 143 -3.68 5.87 -34.41
C LYS A 143 -3.45 4.52 -33.74
N ASP A 144 -2.18 4.21 -33.45
CA ASP A 144 -1.82 2.95 -32.80
C ASP A 144 -2.33 2.86 -31.38
N SER A 145 -2.70 4.01 -30.81
CA SER A 145 -3.21 4.10 -29.44
C SER A 145 -4.67 3.68 -29.27
N ARG A 146 -5.40 3.55 -30.38
CA ARG A 146 -6.80 3.16 -30.36
C ARG A 146 -7.02 1.71 -29.95
N GLY A 147 -8.13 1.46 -29.26
CA GLY A 147 -8.47 0.13 -28.81
C GLY A 147 -7.62 -0.48 -27.71
N LYS A 148 -6.84 0.34 -27.00
CA LYS A 148 -6.00 -0.20 -25.94
C LYS A 148 -6.42 0.26 -24.55
N GLY A 149 -7.59 0.88 -24.47
CA GLY A 149 -8.09 1.36 -23.20
C GLY A 149 -7.45 2.68 -22.80
N VAL A 150 -7.73 3.11 -21.57
CA VAL A 150 -7.19 4.34 -21.04
C VAL A 150 -5.71 4.17 -20.73
N LEU A 151 -4.93 5.18 -21.10
CA LEU A 151 -3.49 5.15 -20.90
C LEU A 151 -3.02 6.33 -20.08
N VAL A 152 -1.93 6.13 -19.35
CA VAL A 152 -1.33 7.21 -18.57
C VAL A 152 0.13 7.30 -19.06
N THR A 153 0.53 8.50 -19.42
CA THR A 153 1.87 8.72 -19.97
C THR A 153 2.78 9.61 -19.14
N MET A 154 3.57 8.98 -18.28
CA MET A 154 4.51 9.70 -17.43
C MET A 154 5.79 8.88 -17.41
N ASN A 155 6.91 9.54 -17.12
CA ASN A 155 8.22 8.91 -17.03
C ASN A 155 8.59 8.17 -18.34
N ASP A 156 8.25 8.79 -19.48
CA ASP A 156 8.50 8.26 -20.81
C ASP A 156 7.83 6.93 -21.11
N GLU A 157 6.91 6.50 -20.25
CA GLU A 157 6.22 5.23 -20.42
C GLU A 157 4.76 5.37 -20.85
N ILE A 158 4.20 4.25 -21.29
CA ILE A 158 2.79 4.17 -21.66
C ILE A 158 2.26 3.11 -20.69
N GLN A 159 1.57 3.60 -19.67
CA GLN A 159 1.00 2.73 -18.65
C GLN A 159 -0.49 2.55 -18.86
N SER A 160 -0.99 1.40 -18.44
CA SER A 160 -2.41 1.09 -18.55
C SER A 160 -3.14 1.77 -17.40
N GLY A 161 -4.25 2.43 -17.70
CA GLY A 161 -5.02 3.11 -16.68
C GLY A 161 -5.62 2.14 -15.66
N ARG A 162 -5.77 0.89 -16.05
CA ARG A 162 -6.33 -0.11 -15.15
C ARG A 162 -5.50 -0.33 -13.88
N ASP A 163 -4.27 -0.80 -14.07
CA ASP A 163 -3.41 -1.13 -12.96
C ASP A 163 -2.22 -0.24 -12.64
N VAL A 164 -2.07 0.88 -13.33
CA VAL A 164 -0.96 1.77 -13.01
C VAL A 164 -1.30 2.38 -11.65
N SER A 165 -0.29 2.57 -10.81
CA SER A 165 -0.53 3.11 -9.47
C SER A 165 0.59 4.03 -8.98
N LYS A 166 0.23 5.01 -8.17
CA LYS A 166 1.22 5.91 -7.60
C LYS A 166 1.83 5.08 -6.46
N SER A 167 3.01 4.52 -6.72
CA SER A 167 3.70 3.65 -5.79
C SER A 167 4.92 4.27 -5.10
N ILE A 168 5.44 5.34 -5.68
CA ILE A 168 6.64 5.99 -5.13
C ILE A 168 6.41 7.48 -4.99
N ASN A 169 6.68 7.98 -3.78
CA ASN A 169 6.52 9.40 -3.49
C ASN A 169 7.73 10.20 -3.91
N ILE A 170 7.48 11.46 -4.23
CA ILE A 170 8.49 12.43 -4.63
C ILE A 170 9.10 12.26 -6.02
N LYS A 171 9.63 11.08 -6.30
CA LYS A 171 10.27 10.80 -7.59
C LYS A 171 9.36 10.81 -8.81
N THR A 172 9.93 11.20 -9.96
CA THR A 172 9.20 11.27 -11.23
C THR A 172 8.73 9.92 -11.74
N GLU A 173 9.31 8.86 -11.22
CA GLU A 173 8.94 7.49 -11.58
C GLU A 173 7.83 6.98 -10.64
N ALA A 174 7.06 7.93 -10.09
CA ALA A 174 5.97 7.64 -9.14
C ALA A 174 4.99 6.54 -9.53
N PHE A 175 4.60 6.49 -10.79
CA PHE A 175 3.63 5.50 -11.25
C PHE A 175 4.20 4.19 -11.73
N LYS A 176 3.70 3.10 -11.13
CA LYS A 176 4.14 1.76 -11.44
C LYS A 176 2.95 0.80 -11.52
N SER A 177 3.10 -0.25 -12.33
CA SER A 177 2.09 -1.29 -12.47
C SER A 177 2.79 -2.62 -12.23
N ALA A 178 2.16 -3.49 -11.47
CA ALA A 178 2.73 -4.81 -11.16
C ALA A 178 2.93 -5.70 -12.39
N TRP A 179 2.23 -5.36 -13.48
CA TRP A 179 2.28 -6.12 -14.72
C TRP A 179 3.14 -5.47 -15.79
N GLY A 180 3.78 -4.35 -15.41
CA GLY A 180 4.67 -3.62 -16.31
C GLY A 180 4.02 -2.60 -17.20
N PRO A 181 4.82 -1.76 -17.90
CA PRO A 181 4.32 -0.75 -18.81
C PRO A 181 3.86 -1.43 -20.09
N LEU A 182 2.95 -0.79 -20.83
CA LEU A 182 2.50 -1.38 -22.09
C LEU A 182 3.53 -1.02 -23.17
N GLY A 183 4.12 0.16 -23.02
CA GLY A 183 5.11 0.64 -23.95
C GLY A 183 5.83 1.89 -23.46
N MET A 184 6.44 2.62 -24.38
CA MET A 184 7.17 3.85 -24.06
C MET A 184 6.94 4.90 -25.15
N VAL A 185 7.14 6.16 -24.80
CA VAL A 185 6.97 7.26 -25.74
C VAL A 185 8.28 8.02 -25.75
N VAL A 186 8.96 8.03 -26.90
CA VAL A 186 10.23 8.74 -27.02
C VAL A 186 10.25 9.62 -28.25
N GLU A 187 10.57 10.89 -28.03
CA GLU A 187 10.64 11.90 -29.09
C GLU A 187 9.44 11.86 -30.04
N GLY A 188 8.26 11.96 -29.44
CA GLY A 188 7.02 11.95 -30.17
C GLY A 188 6.60 10.62 -30.76
N LYS A 189 7.43 9.59 -30.59
CA LYS A 189 7.15 8.27 -31.14
C LYS A 189 6.73 7.26 -30.07
N SER A 190 5.68 6.49 -30.37
CA SER A 190 5.16 5.47 -29.46
C SER A 190 5.71 4.07 -29.75
N TYR A 191 6.14 3.37 -28.71
CA TYR A 191 6.67 2.02 -28.86
C TYR A 191 5.90 1.07 -27.99
N TRP A 192 5.25 0.08 -28.61
CA TRP A 192 4.44 -0.91 -27.90
C TRP A 192 5.15 -2.24 -27.67
N PHE A 193 5.00 -2.76 -26.46
CA PHE A 193 5.62 -4.03 -26.09
C PHE A 193 4.62 -5.01 -25.48
N ARG A 194 3.48 -4.48 -25.02
CA ARG A 194 2.45 -5.30 -24.39
C ARG A 194 1.06 -4.78 -24.70
N LEU A 195 0.08 -5.69 -24.64
CA LEU A 195 -1.34 -5.38 -24.88
C LEU A 195 -2.16 -5.78 -23.65
N PRO A 196 -3.27 -5.05 -23.38
CA PRO A 196 -4.13 -5.35 -22.23
C PRO A 196 -4.84 -6.67 -22.40
N ALA A 197 -4.97 -7.42 -21.32
CA ALA A 197 -5.67 -8.69 -21.38
C ALA A 197 -7.09 -8.54 -20.81
N LYS A 198 -7.29 -7.50 -20.00
CA LYS A 198 -8.57 -7.25 -19.33
C LYS A 198 -9.59 -6.42 -20.14
N ARG A 199 -10.87 -6.59 -19.81
CA ARG A 199 -11.95 -5.85 -20.47
C ARG A 199 -11.86 -4.36 -20.17
N HIS A 200 -12.10 -3.56 -21.19
CA HIS A 200 -12.02 -2.10 -21.06
C HIS A 200 -12.84 -1.40 -22.13
N THR A 201 -12.99 -0.08 -21.97
CA THR A 201 -13.69 0.80 -22.88
C THR A 201 -14.75 0.15 -23.78
N VAL A 202 -14.42 -0.08 -25.05
CA VAL A 202 -15.34 -0.67 -26.02
C VAL A 202 -16.01 -1.99 -25.66
N ASN A 203 -15.27 -2.94 -25.08
CA ASN A 203 -15.88 -4.20 -24.71
C ASN A 203 -16.31 -4.26 -23.23
N SER A 204 -16.52 -3.09 -22.64
CA SER A 204 -16.96 -3.01 -21.26
C SER A 204 -18.49 -3.08 -21.27
N GLU A 205 -19.06 -3.74 -20.27
CA GLU A 205 -20.51 -3.87 -20.17
C GLU A 205 -21.11 -2.66 -19.48
N PHE A 206 -20.26 -1.72 -19.10
CA PHE A 206 -20.68 -0.49 -18.42
C PHE A 206 -20.63 0.69 -19.38
N ASP A 207 -21.43 1.71 -19.11
CA ASP A 207 -21.48 2.88 -19.97
C ASP A 207 -21.90 4.10 -19.17
N ILE A 208 -21.05 5.14 -19.21
CA ILE A 208 -21.25 6.40 -18.49
C ILE A 208 -22.56 7.11 -18.85
N LYS A 209 -23.05 6.89 -20.08
CA LYS A 209 -24.29 7.53 -20.52
C LYS A 209 -25.53 6.98 -19.80
N GLN A 210 -25.41 5.75 -19.29
CA GLN A 210 -26.49 5.09 -18.57
C GLN A 210 -26.29 5.16 -17.05
N ILE A 211 -25.20 5.79 -16.62
CA ILE A 211 -24.87 5.93 -15.22
C ILE A 211 -25.21 7.33 -14.73
N SER A 212 -26.16 7.41 -13.81
CA SER A 212 -26.62 8.68 -13.25
C SER A 212 -26.07 8.97 -11.86
N SER A 213 -25.90 7.92 -11.07
CA SER A 213 -25.36 8.06 -9.72
C SER A 213 -24.50 6.86 -9.36
N LEU A 214 -23.53 7.07 -8.48
CA LEU A 214 -22.63 6.01 -8.05
C LEU A 214 -22.88 5.67 -6.60
N PRO A 215 -23.01 4.36 -6.28
CA PRO A 215 -23.24 3.98 -4.90
C PRO A 215 -22.01 4.28 -4.04
N GLN A 216 -22.25 4.56 -2.77
CA GLN A 216 -21.19 4.87 -1.82
C GLN A 216 -20.42 3.62 -1.44
N VAL A 217 -19.11 3.65 -1.65
CA VAL A 217 -18.24 2.52 -1.32
C VAL A 217 -17.09 3.07 -0.51
N ASP A 218 -16.79 2.42 0.61
CA ASP A 218 -15.72 2.88 1.49
C ASP A 218 -14.66 1.84 1.74
N ILE A 219 -13.53 2.29 2.29
CA ILE A 219 -12.40 1.41 2.56
C ILE A 219 -11.94 1.41 4.00
N ALA A 220 -11.78 0.21 4.56
CA ALA A 220 -11.30 0.04 5.92
C ALA A 220 -9.95 -0.67 5.85
N TYR A 221 -8.99 -0.16 6.60
CA TYR A 221 -7.64 -0.69 6.63
C TYR A 221 -7.49 -1.76 7.71
N SER A 222 -6.76 -2.84 7.41
CA SER A 222 -6.55 -3.90 8.40
C SER A 222 -5.08 -3.99 8.83
N TYR A 223 -4.87 -4.28 10.10
CA TYR A 223 -3.53 -4.36 10.70
C TYR A 223 -3.57 -5.06 12.05
N GLY A 224 -2.43 -5.06 12.74
CA GLY A 224 -2.35 -5.70 14.04
C GLY A 224 -3.27 -5.03 15.04
N ASN A 225 -4.02 -5.84 15.77
CA ASN A 225 -4.95 -5.37 16.79
C ASN A 225 -6.12 -4.53 16.24
N VAL A 226 -6.48 -4.75 14.98
CA VAL A 226 -7.58 -4.02 14.37
C VAL A 226 -8.93 -4.48 14.94
N THR A 227 -9.87 -3.55 15.07
CA THR A 227 -11.20 -3.89 15.58
C THR A 227 -12.19 -3.64 14.44
N ASP A 228 -13.46 -3.98 14.67
CA ASP A 228 -14.48 -3.79 13.63
C ASP A 228 -15.03 -2.37 13.61
N THR A 229 -14.51 -1.51 14.47
CA THR A 229 -14.97 -0.13 14.59
C THR A 229 -15.21 0.64 13.30
N ALA A 230 -14.16 0.84 12.51
CA ALA A 230 -14.30 1.58 11.26
C ALA A 230 -15.21 0.88 10.25
N TYR A 231 -15.23 -0.45 10.26
CA TYR A 231 -16.06 -1.23 9.36
C TYR A 231 -17.54 -0.95 9.60
N LYS A 232 -17.94 -1.03 10.86
CA LYS A 232 -19.32 -0.78 11.25
C LYS A 232 -19.67 0.70 11.05
N ALA A 233 -18.78 1.59 11.49
CA ALA A 233 -19.01 3.03 11.34
C ALA A 233 -19.28 3.42 9.89
N LEU A 234 -18.44 2.92 8.98
CA LEU A 234 -18.59 3.20 7.55
C LEU A 234 -19.91 2.65 6.99
N ALA A 235 -20.28 1.45 7.43
CA ALA A 235 -21.52 0.79 7.01
C ALA A 235 -22.76 1.55 7.54
N GLN A 236 -22.68 2.02 8.78
CA GLN A 236 -23.77 2.78 9.40
C GLN A 236 -23.93 4.14 8.74
N ASN A 237 -22.87 4.61 8.08
CA ASN A 237 -22.95 5.91 7.41
C ASN A 237 -23.25 5.90 5.91
N GLY A 238 -23.75 4.77 5.40
CA GLY A 238 -24.11 4.72 4.00
C GLY A 238 -23.35 3.80 3.06
N ALA A 239 -22.26 3.21 3.51
CA ALA A 239 -21.47 2.33 2.65
C ALA A 239 -22.25 1.10 2.15
N LYS A 240 -22.40 1.00 0.84
CA LYS A 240 -23.10 -0.12 0.21
C LYS A 240 -22.15 -1.30 0.02
N ALA A 241 -20.86 -1.00 0.06
CA ALA A 241 -19.81 -2.00 -0.08
C ALA A 241 -18.61 -1.48 0.69
N LEU A 242 -17.88 -2.40 1.31
CA LEU A 242 -16.68 -2.07 2.06
C LEU A 242 -15.52 -2.80 1.43
N ILE A 243 -14.45 -2.05 1.15
CA ILE A 243 -13.24 -2.63 0.59
C ILE A 243 -12.35 -2.90 1.80
N HIS A 244 -12.13 -4.17 2.06
CA HIS A 244 -11.29 -4.59 3.16
C HIS A 244 -9.83 -4.62 2.68
N ALA A 245 -9.03 -3.67 3.15
CA ALA A 245 -7.60 -3.60 2.79
C ALA A 245 -6.81 -4.43 3.80
N GLY A 246 -6.93 -5.74 3.66
CA GLY A 246 -6.28 -6.65 4.59
C GLY A 246 -4.79 -6.86 4.47
N THR A 247 -4.26 -7.55 5.48
CA THR A 247 -2.85 -7.89 5.53
C THR A 247 -2.75 -9.14 4.64
N GLY A 248 -1.57 -9.35 4.06
CA GLY A 248 -1.36 -10.51 3.23
C GLY A 248 -2.39 -10.71 2.12
N ASN A 249 -2.80 -11.96 1.97
CA ASN A 249 -3.76 -12.35 0.94
C ASN A 249 -5.20 -11.99 1.34
N GLY A 250 -5.44 -10.71 1.64
CA GLY A 250 -6.75 -10.24 2.05
C GLY A 250 -7.28 -10.90 3.32
N SER A 251 -6.37 -11.28 4.21
CA SER A 251 -6.72 -11.93 5.48
C SER A 251 -7.55 -11.03 6.39
N VAL A 252 -8.39 -11.65 7.21
CA VAL A 252 -9.25 -10.94 8.15
C VAL A 252 -9.02 -11.47 9.55
N SER A 253 -8.78 -10.58 10.50
CA SER A 253 -8.59 -10.98 11.90
C SER A 253 -9.83 -11.69 12.44
N SER A 254 -9.62 -12.76 13.22
CA SER A 254 -10.71 -13.53 13.81
C SER A 254 -11.73 -12.68 14.57
N ARG A 255 -11.31 -11.48 14.99
CA ARG A 255 -12.16 -10.56 15.72
C ARG A 255 -13.06 -9.72 14.83
N VAL A 256 -12.66 -9.52 13.57
CA VAL A 256 -13.44 -8.73 12.63
C VAL A 256 -14.34 -9.58 11.74
N VAL A 257 -14.12 -10.90 11.74
CA VAL A 257 -14.93 -11.82 10.93
C VAL A 257 -16.43 -11.78 11.20
N PRO A 258 -16.87 -11.99 12.46
CA PRO A 258 -18.31 -11.95 12.76
C PRO A 258 -19.01 -10.66 12.37
N ALA A 259 -18.32 -9.53 12.45
CA ALA A 259 -18.90 -8.25 12.06
C ALA A 259 -19.08 -8.18 10.56
N LEU A 260 -18.08 -8.66 9.83
CA LEU A 260 -18.16 -8.68 8.38
C LEU A 260 -19.31 -9.58 7.93
N GLN A 261 -19.52 -10.67 8.64
CA GLN A 261 -20.62 -11.58 8.33
C GLN A 261 -21.97 -10.92 8.55
N GLN A 262 -22.12 -10.20 9.66
CA GLN A 262 -23.36 -9.51 9.98
C GLN A 262 -23.66 -8.39 8.98
N LEU A 263 -22.62 -7.66 8.57
CA LEU A 263 -22.78 -6.59 7.60
C LEU A 263 -23.13 -7.16 6.23
N ARG A 264 -22.74 -8.42 5.99
CA ARG A 264 -23.04 -9.08 4.72
C ARG A 264 -24.54 -9.44 4.69
N LYS A 265 -25.02 -10.00 5.79
CA LYS A 265 -26.43 -10.36 5.89
C LYS A 265 -27.30 -9.12 5.72
N ASN A 266 -26.81 -7.98 6.21
CA ASN A 266 -27.50 -6.71 6.10
C ASN A 266 -27.43 -6.11 4.71
N GLY A 267 -26.73 -6.79 3.79
CA GLY A 267 -26.64 -6.31 2.43
C GLY A 267 -25.44 -5.50 2.01
N THR A 268 -24.42 -5.38 2.86
CA THR A 268 -23.22 -4.62 2.49
C THR A 268 -22.26 -5.61 1.82
N GLN A 269 -21.84 -5.30 0.60
CA GLN A 269 -20.91 -6.19 -0.10
C GLN A 269 -19.53 -6.13 0.55
N ILE A 270 -18.93 -7.30 0.81
CA ILE A 270 -17.61 -7.40 1.43
C ILE A 270 -16.59 -7.83 0.38
N ILE A 271 -15.74 -6.89 -0.02
CA ILE A 271 -14.71 -7.11 -1.02
C ILE A 271 -13.32 -7.15 -0.38
N ARG A 272 -12.69 -8.32 -0.41
CA ARG A 272 -11.37 -8.51 0.18
C ARG A 272 -10.23 -8.10 -0.76
N SER A 273 -9.53 -7.04 -0.40
CA SER A 273 -8.38 -6.52 -1.14
C SER A 273 -7.21 -6.63 -0.15
N SER A 274 -6.15 -5.86 -0.36
CA SER A 274 -5.01 -5.90 0.55
C SER A 274 -4.09 -4.70 0.43
N HIS A 275 -3.18 -4.56 1.39
CA HIS A 275 -2.21 -3.49 1.37
C HIS A 275 -0.83 -4.07 1.05
N VAL A 276 -0.84 -5.06 0.15
CA VAL A 276 0.33 -5.77 -0.37
C VAL A 276 0.13 -5.52 -1.86
N ASN A 277 0.50 -4.31 -2.28
CA ASN A 277 0.27 -3.82 -3.64
C ASN A 277 1.40 -3.72 -4.66
N GLN A 278 2.46 -4.52 -4.52
CA GLN A 278 3.55 -4.47 -5.48
C GLN A 278 3.41 -5.61 -6.50
N GLY A 279 2.75 -6.69 -6.10
CA GLY A 279 2.53 -7.83 -6.98
C GLY A 279 1.64 -8.91 -6.38
N GLY A 280 1.36 -9.94 -7.16
CA GLY A 280 0.51 -11.03 -6.73
C GLY A 280 -0.95 -10.59 -6.72
N PHE A 281 -1.81 -11.40 -6.14
CA PHE A 281 -3.25 -11.09 -6.06
C PHE A 281 -3.94 -11.82 -4.92
N VAL A 282 -5.15 -11.38 -4.56
CA VAL A 282 -5.90 -12.05 -3.50
C VAL A 282 -6.66 -13.23 -4.11
N LEU A 283 -6.42 -14.42 -3.55
CA LEU A 283 -7.02 -15.65 -4.03
C LEU A 283 -8.34 -15.97 -3.32
N ARG A 284 -9.37 -16.33 -4.08
CA ARG A 284 -10.67 -16.66 -3.52
C ARG A 284 -10.61 -17.98 -2.75
N ASN A 285 -11.24 -17.99 -1.58
CA ASN A 285 -11.32 -19.15 -0.66
C ASN A 285 -10.01 -19.59 -0.02
N ALA A 286 -8.96 -18.78 -0.14
CA ALA A 286 -7.67 -19.13 0.45
C ALA A 286 -7.61 -18.76 1.92
N GLU A 287 -7.59 -17.47 2.21
CA GLU A 287 -7.51 -16.99 3.57
C GLU A 287 -8.83 -16.98 4.32
N GLN A 288 -9.93 -17.01 3.56
CA GLN A 288 -11.29 -16.98 4.12
C GLN A 288 -12.26 -17.75 3.22
N PRO A 289 -13.31 -18.34 3.81
CA PRO A 289 -14.28 -19.08 3.00
C PRO A 289 -15.27 -18.12 2.34
N ASP A 290 -14.83 -17.52 1.24
CA ASP A 290 -15.65 -16.56 0.50
C ASP A 290 -16.96 -17.14 0.02
N ASP A 291 -16.95 -18.43 -0.28
CA ASP A 291 -18.14 -19.12 -0.74
C ASP A 291 -19.17 -19.20 0.39
N LYS A 292 -18.72 -19.63 1.56
CA LYS A 292 -19.61 -19.74 2.71
C LYS A 292 -20.18 -18.39 3.12
N ASN A 293 -19.32 -17.38 3.21
CA ASN A 293 -19.72 -16.05 3.66
C ASN A 293 -20.32 -15.15 2.58
N ASP A 294 -20.27 -15.61 1.32
CA ASP A 294 -20.76 -14.84 0.18
C ASP A 294 -20.02 -13.51 0.01
N TRP A 295 -18.69 -13.57 0.13
CA TRP A 295 -17.84 -12.41 -0.02
C TRP A 295 -17.16 -12.42 -1.40
N VAL A 296 -16.61 -11.27 -1.78
CA VAL A 296 -15.95 -11.07 -3.06
C VAL A 296 -14.46 -10.77 -2.83
N VAL A 297 -13.61 -11.27 -3.73
CA VAL A 297 -12.16 -11.07 -3.68
C VAL A 297 -11.78 -10.08 -4.79
N ALA A 298 -10.97 -9.08 -4.45
CA ALA A 298 -10.57 -8.06 -5.41
C ALA A 298 -9.47 -8.40 -6.42
N HIS A 299 -9.07 -9.68 -6.46
CA HIS A 299 -8.01 -10.16 -7.37
C HIS A 299 -6.68 -9.41 -7.12
N ASP A 300 -6.20 -8.70 -8.14
CA ASP A 300 -4.93 -7.98 -8.04
C ASP A 300 -5.08 -6.49 -7.75
N LEU A 301 -6.31 -5.99 -7.81
CA LEU A 301 -6.58 -4.58 -7.59
C LEU A 301 -6.33 -4.13 -6.15
N ASN A 302 -5.67 -2.99 -6.00
CA ASN A 302 -5.40 -2.44 -4.68
C ASN A 302 -6.74 -1.90 -4.12
N PRO A 303 -6.76 -1.42 -2.87
CA PRO A 303 -8.01 -0.91 -2.28
C PRO A 303 -8.76 0.15 -3.05
N GLU A 304 -8.08 1.23 -3.42
CA GLU A 304 -8.69 2.32 -4.16
C GLU A 304 -9.17 1.89 -5.55
N LYS A 305 -8.46 0.95 -6.18
CA LYS A 305 -8.84 0.43 -7.50
C LYS A 305 -10.09 -0.47 -7.36
N ALA A 306 -10.13 -1.29 -6.30
CA ALA A 306 -11.26 -2.17 -6.05
C ALA A 306 -12.50 -1.37 -5.72
N ARG A 307 -12.32 -0.21 -5.10
CA ARG A 307 -13.43 0.66 -4.76
C ARG A 307 -14.11 1.13 -6.03
N ILE A 308 -13.31 1.63 -6.98
CA ILE A 308 -13.85 2.11 -8.26
C ILE A 308 -14.61 1.03 -9.02
N LEU A 309 -14.03 -0.18 -9.10
CA LEU A 309 -14.70 -1.28 -9.80
C LEU A 309 -16.00 -1.65 -9.10
N ALA A 310 -15.99 -1.65 -7.77
CA ALA A 310 -17.19 -1.96 -6.98
C ALA A 310 -18.31 -0.96 -7.27
N MET A 311 -17.97 0.32 -7.21
CA MET A 311 -18.92 1.38 -7.45
C MET A 311 -19.62 1.14 -8.77
N VAL A 312 -18.82 1.10 -9.83
CA VAL A 312 -19.33 0.90 -11.18
C VAL A 312 -20.13 -0.38 -11.34
N ALA A 313 -19.61 -1.49 -10.83
CA ALA A 313 -20.28 -2.78 -10.93
C ALA A 313 -21.64 -2.79 -10.25
N MET A 314 -21.71 -2.21 -9.07
CA MET A 314 -22.96 -2.17 -8.31
C MET A 314 -24.09 -1.34 -8.91
N THR A 315 -23.82 -0.65 -10.01
CA THR A 315 -24.87 0.10 -10.69
C THR A 315 -25.62 -0.87 -11.61
N LYS A 316 -25.09 -2.08 -11.77
CA LYS A 316 -25.66 -3.11 -12.64
C LYS A 316 -26.14 -4.35 -11.89
N THR A 317 -25.47 -4.67 -10.79
CA THR A 317 -25.82 -5.86 -10.03
C THR A 317 -25.38 -5.81 -8.56
N GLN A 318 -26.10 -6.55 -7.72
CA GLN A 318 -25.80 -6.63 -6.29
C GLN A 318 -25.59 -8.12 -5.99
N ASP A 319 -25.55 -8.92 -7.06
CA ASP A 319 -25.32 -10.35 -6.97
C ASP A 319 -23.82 -10.51 -6.74
N SER A 320 -23.46 -11.15 -5.63
CA SER A 320 -22.06 -11.33 -5.28
C SER A 320 -21.27 -12.19 -6.28
N LYS A 321 -21.93 -13.18 -6.87
CA LYS A 321 -21.27 -14.03 -7.85
C LYS A 321 -21.00 -13.27 -9.13
N GLU A 322 -21.90 -12.37 -9.51
CA GLU A 322 -21.71 -11.55 -10.69
C GLU A 322 -20.61 -10.56 -10.40
N LEU A 323 -20.58 -10.05 -9.17
CA LEU A 323 -19.56 -9.11 -8.72
C LEU A 323 -18.16 -9.73 -8.77
N GLN A 324 -18.06 -11.02 -8.43
CA GLN A 324 -16.79 -11.74 -8.46
C GLN A 324 -16.31 -11.92 -9.90
N ARG A 325 -17.25 -12.19 -10.80
CA ARG A 325 -16.95 -12.37 -12.22
C ARG A 325 -16.34 -11.10 -12.76
N ILE A 326 -16.98 -9.98 -12.44
CA ILE A 326 -16.54 -8.66 -12.87
C ILE A 326 -15.12 -8.35 -12.38
N PHE A 327 -14.80 -8.73 -11.14
CA PHE A 327 -13.47 -8.49 -10.58
C PHE A 327 -12.42 -9.38 -11.20
N TRP A 328 -12.87 -10.42 -11.88
CA TRP A 328 -11.99 -11.36 -12.53
C TRP A 328 -11.84 -11.04 -14.02
N GLU A 329 -12.66 -10.14 -14.54
CA GLU A 329 -12.63 -9.79 -15.96
C GLU A 329 -12.18 -8.38 -16.29
N TYR A 330 -12.27 -7.47 -15.33
CA TYR A 330 -11.88 -6.09 -15.55
C TYR A 330 -10.64 -5.72 -14.76
N LYS B 1 32.94 -22.60 20.05
CA LYS B 1 32.08 -23.76 19.66
C LYS B 1 30.79 -23.26 18.99
N LEU B 2 29.75 -24.08 19.03
CA LEU B 2 28.46 -23.73 18.45
C LEU B 2 27.73 -22.72 19.30
N ALA B 3 27.09 -21.76 18.64
CA ALA B 3 26.33 -20.72 19.32
C ALA B 3 25.00 -21.31 19.79
N ASN B 4 24.49 -20.78 20.89
CA ASN B 4 23.21 -21.24 21.45
C ASN B 4 22.11 -20.38 20.87
N VAL B 5 21.26 -21.00 20.07
CA VAL B 5 20.17 -20.28 19.44
C VAL B 5 18.81 -20.78 19.94
N VAL B 6 17.95 -19.83 20.30
CA VAL B 6 16.61 -20.16 20.78
C VAL B 6 15.58 -19.79 19.73
N ILE B 7 14.69 -20.72 19.43
CA ILE B 7 13.65 -20.49 18.44
C ILE B 7 12.29 -20.27 19.09
N LEU B 8 11.80 -19.04 19.04
CA LEU B 8 10.49 -18.69 19.59
C LEU B 8 9.44 -18.79 18.48
N ALA B 9 8.60 -19.83 18.55
CA ALA B 9 7.55 -20.07 17.55
C ALA B 9 6.23 -19.40 17.90
N THR B 10 5.65 -18.68 16.93
CA THR B 10 4.39 -18.00 17.17
C THR B 10 3.25 -18.48 16.28
N GLY B 11 3.56 -19.40 15.36
CA GLY B 11 2.55 -19.95 14.45
C GLY B 11 2.83 -19.60 13.01
N GLY B 12 1.80 -19.17 12.28
CA GLY B 12 1.95 -18.78 10.89
C GLY B 12 1.97 -19.87 9.83
N THR B 13 2.24 -19.47 8.58
CA THR B 13 2.28 -20.39 7.44
C THR B 13 3.46 -21.35 7.50
N ILE B 14 4.58 -20.90 8.08
CA ILE B 14 5.75 -21.75 8.21
C ILE B 14 5.37 -23.00 9.01
N ALA B 15 4.38 -22.84 9.90
CA ALA B 15 3.87 -23.93 10.73
C ALA B 15 2.49 -24.38 10.25
N GLY B 16 2.15 -24.01 9.01
CA GLY B 16 0.87 -24.36 8.45
C GLY B 16 0.83 -25.70 7.71
N ALA B 17 -0.36 -26.08 7.28
CA ALA B 17 -0.53 -27.35 6.57
C ALA B 17 -1.67 -27.24 5.57
N GLY B 18 -1.44 -27.80 4.38
CA GLY B 18 -2.44 -27.79 3.32
C GLY B 18 -3.00 -29.17 3.01
N ALA B 19 -4.06 -29.19 2.20
CA ALA B 19 -4.73 -30.43 1.81
C ALA B 19 -3.83 -31.40 1.06
N SER B 20 -3.01 -30.89 0.15
CA SER B 20 -2.08 -31.72 -0.62
C SER B 20 -0.79 -30.97 -0.88
N ALA B 21 0.13 -31.62 -1.58
CA ALA B 21 1.42 -31.02 -1.92
C ALA B 21 1.30 -29.92 -2.96
N ALA B 22 0.16 -29.91 -3.66
CA ALA B 22 -0.11 -28.90 -4.69
C ALA B 22 -0.67 -27.62 -4.08
N ASN B 23 -1.08 -27.69 -2.82
CA ASN B 23 -1.65 -26.54 -2.10
C ASN B 23 -0.57 -25.67 -1.46
N SER B 24 -0.12 -24.67 -2.22
CA SER B 24 0.91 -23.73 -1.79
C SER B 24 0.37 -22.36 -1.41
N ALA B 25 -0.91 -22.12 -1.67
CA ALA B 25 -1.53 -20.83 -1.33
C ALA B 25 -2.78 -20.98 -0.46
N THR B 26 -3.37 -22.17 -0.46
CA THR B 26 -4.57 -22.44 0.35
C THR B 26 -4.18 -23.45 1.42
N TYR B 27 -4.22 -23.01 2.68
CA TYR B 27 -3.83 -23.88 3.78
C TYR B 27 -4.30 -23.36 5.14
N GLN B 28 -3.99 -24.15 6.17
CA GLN B 28 -4.34 -23.84 7.54
C GLN B 28 -3.05 -23.47 8.27
N ALA B 29 -2.96 -22.22 8.73
CA ALA B 29 -1.79 -21.74 9.45
C ALA B 29 -1.76 -22.24 10.89
N ALA B 30 -0.61 -22.08 11.54
CA ALA B 30 -0.44 -22.47 12.94
C ALA B 30 -0.91 -23.88 13.32
N LYS B 31 -0.55 -24.87 12.52
CA LYS B 31 -0.94 -26.25 12.76
C LYS B 31 0.17 -27.12 13.36
N VAL B 32 1.42 -26.83 13.00
CA VAL B 32 2.57 -27.60 13.48
C VAL B 32 3.35 -26.91 14.61
N GLY B 33 3.73 -27.70 15.62
CA GLY B 33 4.49 -27.17 16.75
C GLY B 33 5.97 -26.99 16.49
N VAL B 34 6.63 -26.19 17.33
CA VAL B 34 8.05 -25.87 17.19
C VAL B 34 9.01 -27.07 17.13
N ASP B 35 8.76 -28.10 17.94
CA ASP B 35 9.63 -29.28 17.94
C ASP B 35 9.59 -30.07 16.62
N LYS B 36 8.41 -30.14 16.02
CA LYS B 36 8.25 -30.85 14.75
C LYS B 36 8.83 -29.96 13.65
N LEU B 37 8.79 -28.66 13.88
CA LEU B 37 9.32 -27.66 12.94
C LEU B 37 10.86 -27.71 12.92
N ILE B 38 11.46 -27.98 14.07
CA ILE B 38 12.92 -28.07 14.22
C ILE B 38 13.42 -29.39 13.65
N ALA B 39 12.66 -30.46 13.89
CA ALA B 39 12.98 -31.80 13.43
C ALA B 39 12.91 -31.95 11.90
N GLY B 40 12.28 -31.00 11.23
CA GLY B 40 12.18 -31.05 9.78
C GLY B 40 13.45 -30.58 9.11
N VAL B 41 14.33 -29.96 9.90
CA VAL B 41 15.61 -29.44 9.41
C VAL B 41 16.74 -30.00 10.28
N PRO B 42 17.19 -31.25 9.99
CA PRO B 42 18.26 -31.92 10.73
C PRO B 42 19.61 -31.21 10.61
N GLU B 43 19.83 -30.53 9.49
CA GLU B 43 21.07 -29.81 9.22
C GLU B 43 21.22 -28.59 10.12
N LEU B 44 20.21 -28.35 10.94
CA LEU B 44 20.20 -27.22 11.86
C LEU B 44 21.26 -27.43 12.93
N ALA B 45 21.47 -28.69 13.30
CA ALA B 45 22.45 -29.08 14.32
C ALA B 45 23.89 -28.65 14.01
N ASP B 46 24.26 -28.67 12.74
CA ASP B 46 25.59 -28.27 12.30
C ASP B 46 25.81 -26.77 12.44
N LEU B 47 24.72 -26.00 12.52
CA LEU B 47 24.80 -24.55 12.62
C LEU B 47 24.94 -24.03 14.04
N ALA B 48 24.21 -24.65 14.96
CA ALA B 48 24.21 -24.20 16.34
C ALA B 48 23.47 -25.16 17.23
N ASN B 49 23.53 -24.90 18.53
CA ASN B 49 22.82 -25.69 19.52
C ASN B 49 21.47 -24.97 19.57
N VAL B 50 20.43 -25.64 19.09
CA VAL B 50 19.09 -25.04 19.05
C VAL B 50 18.06 -25.62 20.02
N ARG B 51 17.26 -24.73 20.61
CA ARG B 51 16.21 -25.11 21.56
C ARG B 51 14.89 -24.51 21.08
N GLY B 52 13.81 -25.30 21.15
CA GLY B 52 12.53 -24.81 20.70
C GLY B 52 11.57 -24.43 21.81
N GLU B 53 10.84 -23.33 21.61
CA GLU B 53 9.88 -22.88 22.59
C GLU B 53 8.65 -22.30 21.89
N GLN B 54 7.48 -22.84 22.24
CA GLN B 54 6.22 -22.40 21.66
C GLN B 54 5.61 -21.25 22.49
N VAL B 55 5.79 -20.02 22.00
CA VAL B 55 5.29 -18.84 22.68
C VAL B 55 3.77 -18.71 22.47
N MET B 56 3.31 -19.05 21.26
CA MET B 56 1.90 -19.00 20.89
C MET B 56 1.71 -19.78 19.58
N GLN B 57 0.47 -20.07 19.23
CA GLN B 57 0.15 -20.82 18.01
C GLN B 57 -1.01 -20.10 17.28
N ILE B 58 -0.70 -18.98 16.63
CA ILE B 58 -1.70 -18.18 15.93
C ILE B 58 -1.41 -17.82 14.47
N ALA B 59 -2.46 -17.30 13.82
CA ALA B 59 -2.39 -16.80 12.46
C ALA B 59 -2.11 -15.32 12.75
N SER B 60 -1.00 -14.82 12.23
CA SER B 60 -0.56 -13.44 12.49
C SER B 60 -1.50 -12.27 12.25
N GLU B 61 -2.47 -12.41 11.35
CA GLU B 61 -3.42 -11.32 11.09
C GLU B 61 -4.35 -11.08 12.31
N SER B 62 -4.40 -12.07 13.20
CA SER B 62 -5.23 -12.03 14.42
C SER B 62 -4.44 -11.75 15.70
N ILE B 63 -3.23 -11.20 15.54
CA ILE B 63 -2.36 -10.87 16.67
C ILE B 63 -2.86 -9.64 17.45
N THR B 64 -2.69 -9.66 18.76
CA THR B 64 -3.11 -8.54 19.60
C THR B 64 -1.91 -7.82 20.20
N ASN B 65 -2.16 -6.64 20.75
CA ASN B 65 -1.12 -5.85 21.39
C ASN B 65 -0.53 -6.60 22.57
N ASP B 66 -1.35 -7.41 23.24
CA ASP B 66 -0.88 -8.19 24.38
C ASP B 66 -0.02 -9.37 23.93
N ASP B 67 -0.21 -9.81 22.69
CA ASP B 67 0.59 -10.91 22.13
C ASP B 67 1.98 -10.38 21.83
N LEU B 68 2.04 -9.12 21.42
CA LEU B 68 3.30 -8.46 21.11
C LEU B 68 4.13 -8.29 22.38
N LEU B 69 3.50 -7.81 23.45
CA LEU B 69 4.18 -7.60 24.74
C LEU B 69 4.68 -8.91 25.33
N LYS B 70 3.87 -9.95 25.20
CA LYS B 70 4.21 -11.29 25.67
C LYS B 70 5.50 -11.72 24.98
N LEU B 71 5.51 -11.62 23.65
CA LEU B 71 6.67 -11.99 22.84
C LEU B 71 7.85 -11.06 23.15
N GLY B 72 7.58 -9.76 23.20
CA GLY B 72 8.62 -8.78 23.47
C GLY B 72 9.33 -9.03 24.79
N LYS B 73 8.55 -9.32 25.84
CA LYS B 73 9.13 -9.56 27.15
C LYS B 73 9.87 -10.89 27.23
N ARG B 74 9.39 -11.90 26.50
CA ARG B 74 10.04 -13.21 26.48
C ARG B 74 11.40 -13.10 25.78
N VAL B 75 11.47 -12.21 24.78
CA VAL B 75 12.69 -12.00 24.01
C VAL B 75 13.71 -11.34 24.94
N ALA B 76 13.23 -10.33 25.68
CA ALA B 76 14.06 -9.59 26.62
C ALA B 76 14.67 -10.50 27.69
N GLU B 77 13.92 -11.49 28.14
CA GLU B 77 14.41 -12.43 29.15
C GLU B 77 15.49 -13.34 28.57
N LEU B 78 15.26 -13.83 27.35
CA LEU B 78 16.23 -14.71 26.68
C LEU B 78 17.51 -13.95 26.38
N ALA B 79 17.36 -12.71 25.93
CA ALA B 79 18.49 -11.84 25.61
C ALA B 79 19.41 -11.58 26.82
N ASP B 80 18.81 -11.43 28.00
CA ASP B 80 19.54 -11.20 29.25
C ASP B 80 20.34 -12.39 29.72
N SER B 81 19.91 -13.57 29.29
CA SER B 81 20.55 -14.83 29.64
C SER B 81 21.90 -15.03 28.92
N ASN B 82 22.90 -15.44 29.69
CA ASN B 82 24.24 -15.69 29.15
C ASN B 82 24.25 -16.95 28.30
N ASP B 83 23.33 -17.86 28.59
CA ASP B 83 23.20 -19.13 27.87
C ASP B 83 22.48 -19.02 26.51
N VAL B 84 22.18 -17.79 26.09
CA VAL B 84 21.50 -17.57 24.83
C VAL B 84 22.34 -16.60 24.00
N ASP B 85 22.75 -17.04 22.82
CA ASP B 85 23.56 -16.22 21.94
C ASP B 85 22.74 -15.52 20.86
N GLY B 86 21.76 -16.23 20.31
CA GLY B 86 20.92 -15.66 19.28
C GLY B 86 19.48 -16.07 19.45
N ILE B 87 18.58 -15.30 18.83
CA ILE B 87 17.15 -15.57 18.90
C ILE B 87 16.47 -15.55 17.51
N VAL B 88 15.72 -16.61 17.22
CA VAL B 88 15.00 -16.74 15.97
C VAL B 88 13.50 -16.86 16.30
N ILE B 89 12.69 -16.03 15.67
CA ILE B 89 11.23 -16.05 15.88
C ILE B 89 10.48 -16.42 14.59
N THR B 90 9.74 -17.52 14.62
CA THR B 90 8.94 -17.96 13.47
C THR B 90 7.62 -17.23 13.60
N HIS B 91 7.31 -16.41 12.61
CA HIS B 91 6.11 -15.57 12.63
C HIS B 91 5.37 -15.56 11.29
N GLY B 92 4.05 -15.52 11.35
CA GLY B 92 3.23 -15.45 10.15
C GLY B 92 3.60 -14.19 9.42
N THR B 93 3.65 -14.29 8.09
CA THR B 93 4.04 -13.19 7.22
C THR B 93 3.15 -11.95 7.19
N ASP B 94 1.86 -12.12 7.48
CA ASP B 94 0.91 -11.00 7.45
C ASP B 94 1.27 -9.78 8.28
N THR B 95 1.66 -10.01 9.53
CA THR B 95 2.04 -8.90 10.39
C THR B 95 3.50 -9.02 10.85
N LEU B 96 4.29 -9.81 10.12
CA LEU B 96 5.70 -10.00 10.44
C LEU B 96 6.41 -8.66 10.48
N GLU B 97 6.10 -7.81 9.51
CA GLU B 97 6.71 -6.49 9.44
C GLU B 97 6.41 -5.58 10.63
N GLU B 98 5.26 -5.81 11.27
CA GLU B 98 4.86 -5.03 12.42
C GLU B 98 5.66 -5.49 13.64
N THR B 99 5.67 -6.79 13.87
CA THR B 99 6.41 -7.37 14.99
C THR B 99 7.93 -7.13 14.86
N ALA B 100 8.47 -7.28 13.65
CA ALA B 100 9.89 -7.07 13.43
C ALA B 100 10.30 -5.65 13.79
N TYR B 101 9.49 -4.66 13.41
CA TYR B 101 9.79 -3.26 13.72
C TYR B 101 9.62 -2.96 15.22
N PHE B 102 8.63 -3.59 15.84
CA PHE B 102 8.36 -3.40 17.27
C PHE B 102 9.57 -3.86 18.09
N LEU B 103 10.07 -5.06 17.81
CA LEU B 103 11.22 -5.62 18.50
C LEU B 103 12.47 -4.78 18.28
N ASN B 104 12.58 -4.21 17.09
CA ASN B 104 13.72 -3.37 16.73
C ASN B 104 13.81 -2.15 17.64
N LEU B 105 12.65 -1.64 18.06
CA LEU B 105 12.55 -0.46 18.91
C LEU B 105 12.66 -0.70 20.41
N VAL B 106 12.20 -1.86 20.87
CA VAL B 106 12.16 -2.13 22.31
C VAL B 106 13.14 -3.12 22.92
N GLN B 107 13.85 -3.87 22.10
CA GLN B 107 14.80 -4.84 22.63
C GLN B 107 16.17 -4.18 22.71
N LYS B 108 16.60 -3.82 23.92
CA LYS B 108 17.88 -3.17 24.08
C LYS B 108 19.00 -4.20 24.26
N THR B 109 19.35 -4.84 23.15
CA THR B 109 20.38 -5.86 23.12
C THR B 109 21.07 -5.86 21.77
N ASP B 110 22.33 -6.26 21.75
CA ASP B 110 23.10 -6.33 20.49
C ASP B 110 23.07 -7.77 19.96
N LYS B 111 22.47 -8.68 20.72
CA LYS B 111 22.35 -10.06 20.29
C LYS B 111 21.41 -10.13 19.08
N PRO B 112 21.72 -11.02 18.13
CA PRO B 112 20.90 -11.18 16.92
C PRO B 112 19.48 -11.65 17.18
N ILE B 113 18.52 -10.86 16.71
CA ILE B 113 17.10 -11.19 16.80
C ILE B 113 16.65 -11.32 15.35
N VAL B 114 16.30 -12.55 14.96
CA VAL B 114 15.86 -12.80 13.59
C VAL B 114 14.43 -13.30 13.53
N VAL B 115 13.62 -12.65 12.71
CA VAL B 115 12.22 -13.03 12.53
C VAL B 115 12.12 -13.72 11.17
N VAL B 116 11.43 -14.85 11.12
CA VAL B 116 11.29 -15.60 9.89
C VAL B 116 9.92 -16.23 9.69
N GLY B 117 9.52 -16.36 8.43
CA GLY B 117 8.25 -16.96 8.08
C GLY B 117 8.40 -17.55 6.68
N SER B 118 7.30 -18.00 6.09
CA SER B 118 7.35 -18.57 4.75
C SER B 118 6.06 -18.22 4.00
N MET B 119 6.10 -18.28 2.69
CA MET B 119 4.93 -17.98 1.89
C MET B 119 4.13 -19.22 1.49
N ARG B 120 4.76 -20.37 1.67
CA ARG B 120 4.13 -21.65 1.36
C ARG B 120 4.22 -22.53 2.60
N PRO B 121 3.18 -23.34 2.88
CA PRO B 121 3.17 -24.23 4.04
C PRO B 121 4.11 -25.41 3.84
N GLY B 122 4.65 -25.93 4.94
CA GLY B 122 5.58 -27.05 4.88
C GLY B 122 5.10 -28.30 4.14
N THR B 123 3.80 -28.40 3.89
CA THR B 123 3.22 -29.56 3.21
C THR B 123 3.24 -29.44 1.69
N ALA B 124 3.47 -28.22 1.20
CA ALA B 124 3.49 -27.95 -0.23
C ALA B 124 4.79 -28.39 -0.89
N MET B 125 4.75 -28.60 -2.19
CA MET B 125 5.94 -28.97 -2.91
C MET B 125 6.69 -27.67 -3.09
N SER B 126 8.02 -27.75 -2.98
CA SER B 126 8.91 -26.60 -3.10
C SER B 126 8.62 -25.56 -2.02
N ALA B 127 8.33 -26.05 -0.81
CA ALA B 127 8.04 -25.22 0.36
C ALA B 127 9.28 -24.42 0.72
N ASP B 128 9.12 -23.10 0.89
CA ASP B 128 10.23 -22.22 1.22
C ASP B 128 10.65 -22.14 2.70
N GLY B 129 9.85 -22.78 3.56
CA GLY B 129 10.11 -22.73 5.00
C GLY B 129 11.38 -23.35 5.55
N MET B 130 11.74 -24.54 5.08
CA MET B 130 12.94 -25.22 5.57
C MET B 130 14.20 -24.38 5.45
N LEU B 131 14.48 -23.90 4.24
CA LEU B 131 15.68 -23.08 4.00
C LEU B 131 15.62 -21.75 4.73
N ASN B 132 14.41 -21.18 4.85
CA ASN B 132 14.25 -19.90 5.57
C ASN B 132 14.66 -20.08 7.04
N LEU B 133 14.27 -21.19 7.65
CA LEU B 133 14.59 -21.48 9.05
C LEU B 133 16.09 -21.76 9.20
N TYR B 134 16.66 -22.44 8.22
CA TYR B 134 18.09 -22.76 8.21
C TYR B 134 18.85 -21.46 8.18
N ASN B 135 18.47 -20.59 7.25
CA ASN B 135 19.11 -19.28 7.11
C ASN B 135 18.91 -18.42 8.34
N ALA B 136 17.76 -18.59 9.00
CA ALA B 136 17.49 -17.82 10.22
C ALA B 136 18.49 -18.20 11.31
N VAL B 137 18.67 -19.50 11.52
CA VAL B 137 19.60 -19.97 12.55
C VAL B 137 21.04 -19.66 12.16
N ALA B 138 21.35 -19.74 10.87
CA ALA B 138 22.69 -19.44 10.37
C ALA B 138 23.06 -18.00 10.69
N VAL B 139 22.11 -17.09 10.49
CA VAL B 139 22.31 -15.66 10.75
C VAL B 139 22.33 -15.33 12.24
N ALA B 140 21.49 -16.01 13.02
CA ALA B 140 21.40 -15.76 14.46
C ALA B 140 22.65 -16.21 15.24
N SER B 141 23.36 -17.18 14.69
CA SER B 141 24.57 -17.70 15.31
C SER B 141 25.84 -17.06 14.77
N ASN B 142 25.68 -16.00 13.97
CA ASN B 142 26.83 -15.30 13.38
C ASN B 142 27.17 -14.04 14.17
N LYS B 143 28.41 -13.96 14.64
CA LYS B 143 28.90 -12.83 15.43
C LYS B 143 28.78 -11.51 14.66
N ASP B 144 28.87 -11.57 13.33
CA ASP B 144 28.73 -10.38 12.49
C ASP B 144 27.29 -9.87 12.45
N SER B 145 26.35 -10.69 12.93
CA SER B 145 24.95 -10.31 12.96
C SER B 145 24.64 -9.35 14.12
N ARG B 146 25.53 -9.29 15.10
CA ARG B 146 25.37 -8.42 16.28
C ARG B 146 25.41 -6.93 15.95
N GLY B 147 24.58 -6.17 16.65
CA GLY B 147 24.54 -4.73 16.45
C GLY B 147 23.93 -4.27 15.14
N LYS B 148 23.23 -5.15 14.44
CA LYS B 148 22.61 -4.79 13.18
C LYS B 148 21.11 -4.48 13.34
N GLY B 149 20.58 -4.74 14.54
CA GLY B 149 19.16 -4.51 14.80
C GLY B 149 18.42 -5.80 14.51
N VAL B 150 17.09 -5.73 14.41
CA VAL B 150 16.29 -6.93 14.14
C VAL B 150 16.37 -7.27 12.67
N LEU B 151 16.55 -8.55 12.38
CA LEU B 151 16.69 -9.03 11.01
C LEU B 151 15.60 -9.99 10.55
N VAL B 152 15.33 -9.98 9.24
CA VAL B 152 14.32 -10.85 8.64
C VAL B 152 15.05 -11.61 7.54
N THR B 153 15.04 -12.94 7.63
CA THR B 153 15.76 -13.74 6.64
C THR B 153 14.87 -14.62 5.77
N MET B 154 14.48 -14.08 4.63
CA MET B 154 13.63 -14.81 3.69
C MET B 154 14.10 -14.55 2.27
N ASN B 155 13.86 -15.53 1.39
CA ASN B 155 14.25 -15.40 -0.01
C ASN B 155 15.77 -15.15 -0.15
N ASP B 156 16.55 -15.86 0.65
CA ASP B 156 18.01 -15.78 0.67
C ASP B 156 18.55 -14.41 1.03
N GLU B 157 17.69 -13.50 1.51
CA GLU B 157 18.16 -12.16 1.85
C GLU B 157 18.19 -11.88 3.35
N ILE B 158 18.89 -10.81 3.73
CA ILE B 158 18.96 -10.35 5.10
C ILE B 158 18.32 -8.98 5.01
N GLN B 159 17.09 -8.88 5.49
CA GLN B 159 16.37 -7.61 5.46
C GLN B 159 16.33 -6.99 6.86
N SER B 160 16.29 -5.66 6.90
CA SER B 160 16.20 -4.90 8.14
C SER B 160 14.77 -5.00 8.67
N GLY B 161 14.61 -5.23 9.97
CA GLY B 161 13.28 -5.35 10.55
C GLY B 161 12.51 -4.04 10.49
N ARG B 162 13.22 -2.93 10.39
CA ARG B 162 12.60 -1.61 10.34
C ARG B 162 11.69 -1.34 9.15
N ASP B 163 12.26 -1.42 7.96
CA ASP B 163 11.53 -1.10 6.74
C ASP B 163 11.21 -2.21 5.75
N VAL B 164 11.42 -3.48 6.12
CA VAL B 164 11.06 -4.57 5.23
C VAL B 164 9.54 -4.62 5.35
N SER B 165 8.87 -5.06 4.28
CA SER B 165 7.41 -5.13 4.28
C SER B 165 6.91 -6.17 3.31
N LYS B 166 5.76 -6.77 3.64
CA LYS B 166 5.15 -7.76 2.75
C LYS B 166 4.57 -6.90 1.64
N SER B 167 5.24 -6.90 0.48
CA SER B 167 4.83 -6.10 -0.68
C SER B 167 4.24 -6.88 -1.85
N ILE B 168 4.54 -8.17 -1.91
CA ILE B 168 4.05 -9.01 -3.01
C ILE B 168 3.37 -10.23 -2.45
N ASN B 169 2.16 -10.51 -2.94
CA ASN B 169 1.40 -11.67 -2.49
C ASN B 169 1.77 -12.92 -3.29
N ILE B 170 1.51 -14.06 -2.66
CA ILE B 170 1.76 -15.38 -3.25
C ILE B 170 3.22 -15.83 -3.40
N LYS B 171 4.02 -14.99 -4.03
CA LYS B 171 5.42 -15.31 -4.29
C LYS B 171 6.33 -15.30 -3.06
N THR B 172 7.41 -16.08 -3.13
CA THR B 172 8.41 -16.19 -2.06
C THR B 172 9.20 -14.90 -1.81
N GLU B 173 9.27 -14.06 -2.84
CA GLU B 173 9.97 -12.77 -2.76
C GLU B 173 9.05 -11.69 -2.18
N ALA B 174 8.07 -12.13 -1.40
CA ALA B 174 7.06 -11.26 -0.78
C ALA B 174 7.58 -10.04 -0.05
N PHE B 175 8.70 -10.18 0.65
CA PHE B 175 9.28 -9.10 1.42
C PHE B 175 10.30 -8.20 0.73
N LYS B 176 9.99 -6.91 0.69
CA LYS B 176 10.84 -5.92 0.06
C LYS B 176 11.00 -4.71 0.96
N SER B 177 12.03 -3.92 0.72
CA SER B 177 12.30 -2.70 1.47
C SER B 177 12.67 -1.65 0.44
N ALA B 178 12.15 -0.44 0.61
CA ALA B 178 12.46 0.66 -0.31
C ALA B 178 13.95 1.03 -0.34
N TRP B 179 14.69 0.61 0.69
CA TRP B 179 16.12 0.93 0.80
C TRP B 179 17.03 -0.29 0.61
N GLY B 180 16.45 -1.36 0.11
CA GLY B 180 17.16 -2.59 -0.16
C GLY B 180 17.51 -3.46 1.02
N PRO B 181 17.90 -4.72 0.76
CA PRO B 181 18.28 -5.68 1.81
C PRO B 181 19.68 -5.31 2.31
N LEU B 182 20.00 -5.73 3.53
CA LEU B 182 21.30 -5.42 4.12
C LEU B 182 22.38 -6.32 3.53
N GLY B 183 21.99 -7.55 3.20
CA GLY B 183 22.91 -8.50 2.62
C GLY B 183 22.17 -9.74 2.19
N MET B 184 22.87 -10.86 2.15
CA MET B 184 22.29 -12.13 1.75
C MET B 184 22.91 -13.28 2.55
N VAL B 185 22.19 -14.39 2.59
CA VAL B 185 22.62 -15.59 3.29
C VAL B 185 22.58 -16.70 2.26
N VAL B 186 23.74 -17.27 1.98
CA VAL B 186 23.84 -18.35 0.99
C VAL B 186 24.71 -19.46 1.57
N GLU B 187 24.14 -20.65 1.67
CA GLU B 187 24.81 -21.82 2.21
C GLU B 187 25.45 -21.61 3.60
N GLY B 188 24.66 -21.05 4.50
CA GLY B 188 25.09 -20.80 5.86
C GLY B 188 26.00 -19.60 6.07
N LYS B 189 26.43 -18.98 4.98
CA LYS B 189 27.33 -17.83 5.04
C LYS B 189 26.53 -16.55 4.86
N SER B 190 26.87 -15.53 5.65
CA SER B 190 26.19 -14.24 5.55
C SER B 190 27.10 -13.24 4.83
N TYR B 191 26.53 -12.49 3.90
CA TYR B 191 27.27 -11.49 3.13
C TYR B 191 26.58 -10.14 3.29
N TRP B 192 27.27 -9.18 3.88
CA TRP B 192 26.74 -7.84 4.12
C TRP B 192 27.16 -6.84 3.07
N PHE B 193 26.24 -5.96 2.69
CA PHE B 193 26.48 -4.94 1.69
C PHE B 193 26.07 -3.55 2.14
N ARG B 194 25.22 -3.50 3.17
CA ARG B 194 24.73 -2.23 3.69
C ARG B 194 24.57 -2.29 5.21
N LEU B 195 24.56 -1.13 5.85
CA LEU B 195 24.38 -1.01 7.29
C LEU B 195 23.20 -0.08 7.59
N PRO B 196 22.46 -0.32 8.69
CA PRO B 196 21.32 0.57 8.99
C PRO B 196 21.81 1.93 9.51
N ALA B 197 21.04 2.98 9.23
CA ALA B 197 21.37 4.33 9.66
C ALA B 197 20.40 4.86 10.72
N LYS B 198 19.31 4.15 10.94
CA LYS B 198 18.31 4.55 11.93
C LYS B 198 18.55 3.92 13.29
N ARG B 199 18.10 4.59 14.35
CA ARG B 199 18.28 4.09 15.71
C ARG B 199 17.57 2.77 15.94
N HIS B 200 18.21 1.88 16.69
CA HIS B 200 17.62 0.57 16.96
C HIS B 200 18.21 -0.09 18.19
N THR B 201 17.58 -1.18 18.59
CA THR B 201 17.95 -2.02 19.70
C THR B 201 18.76 -1.39 20.85
N VAL B 202 20.08 -1.54 20.83
CA VAL B 202 20.93 -0.98 21.89
C VAL B 202 20.98 0.53 21.99
N ASN B 203 20.75 1.23 20.89
CA ASN B 203 20.78 2.68 20.91
C ASN B 203 19.40 3.32 20.89
N SER B 204 18.38 2.53 21.22
CA SER B 204 17.01 3.01 21.26
C SER B 204 16.71 3.57 22.66
N GLU B 205 15.91 4.64 22.70
CA GLU B 205 15.55 5.25 23.97
C GLU B 205 14.33 4.55 24.60
N PHE B 206 13.85 3.50 23.95
CA PHE B 206 12.69 2.75 24.43
C PHE B 206 13.15 1.42 24.99
N ASP B 207 12.37 0.88 25.92
CA ASP B 207 12.72 -0.35 26.58
C ASP B 207 11.46 -1.12 26.96
N ILE B 208 11.33 -2.33 26.42
CA ILE B 208 10.17 -3.20 26.69
C ILE B 208 9.94 -3.50 28.16
N LYS B 209 11.01 -3.45 28.96
CA LYS B 209 10.90 -3.73 30.39
C LYS B 209 10.03 -2.72 31.11
N GLN B 210 10.02 -1.49 30.61
CA GLN B 210 9.25 -0.43 31.22
C GLN B 210 7.81 -0.37 30.73
N ILE B 211 7.55 -0.94 29.56
CA ILE B 211 6.23 -0.94 28.96
C ILE B 211 5.28 -1.98 29.55
N SER B 212 4.17 -1.51 30.12
CA SER B 212 3.17 -2.39 30.72
C SER B 212 2.00 -2.66 29.77
N SER B 213 1.65 -1.65 28.98
CA SER B 213 0.58 -1.76 27.98
C SER B 213 0.80 -0.68 26.95
N LEU B 214 0.38 -0.96 25.71
CA LEU B 214 0.54 -0.01 24.62
C LEU B 214 -0.70 0.84 24.41
N PRO B 215 -0.51 2.12 24.01
CA PRO B 215 -1.59 3.06 23.75
C PRO B 215 -2.37 2.59 22.51
N GLN B 216 -3.67 2.88 22.45
CA GLN B 216 -4.44 2.48 21.30
C GLN B 216 -4.16 3.42 20.14
N VAL B 217 -3.76 2.84 19.02
CA VAL B 217 -3.46 3.60 17.80
C VAL B 217 -4.14 2.90 16.63
N ASP B 218 -4.80 3.68 15.79
CA ASP B 218 -5.53 3.11 14.67
C ASP B 218 -5.21 3.79 13.35
N ILE B 219 -5.57 3.11 12.27
CA ILE B 219 -5.29 3.61 10.93
C ILE B 219 -6.54 3.82 10.07
N ALA B 220 -6.63 5.00 9.45
CA ALA B 220 -7.73 5.32 8.56
C ALA B 220 -7.17 5.47 7.15
N TYR B 221 -7.86 4.87 6.18
CA TYR B 221 -7.45 4.93 4.78
C TYR B 221 -8.07 6.11 4.05
N SER B 222 -7.30 6.74 3.18
CA SER B 222 -7.77 7.88 2.39
C SER B 222 -7.83 7.54 0.89
N TYR B 223 -8.85 8.06 0.22
CA TYR B 223 -9.09 7.82 -1.21
C TYR B 223 -10.06 8.88 -1.73
N GLY B 224 -10.49 8.72 -2.97
CA GLY B 224 -11.42 9.68 -3.55
C GLY B 224 -12.79 9.59 -2.88
N ASN B 225 -13.36 10.76 -2.57
CA ASN B 225 -14.67 10.86 -1.93
C ASN B 225 -14.66 10.37 -0.47
N VAL B 226 -13.49 10.32 0.14
CA VAL B 226 -13.36 9.89 1.52
C VAL B 226 -14.03 10.93 2.43
N THR B 227 -14.63 10.47 3.53
CA THR B 227 -15.25 11.37 4.50
C THR B 227 -14.52 11.22 5.82
N ASP B 228 -14.91 11.99 6.85
CA ASP B 228 -14.24 11.88 8.14
C ASP B 228 -14.76 10.77 9.03
N THR B 229 -15.77 10.05 8.54
CA THR B 229 -16.40 8.97 9.29
C THR B 229 -15.48 8.02 10.05
N ALA B 230 -14.53 7.42 9.34
CA ALA B 230 -13.60 6.48 9.96
C ALA B 230 -12.69 7.16 10.99
N TYR B 231 -12.26 8.38 10.69
CA TYR B 231 -11.38 9.12 11.57
C TYR B 231 -12.00 9.40 12.94
N LYS B 232 -13.25 9.88 12.92
CA LYS B 232 -13.98 10.18 14.15
C LYS B 232 -14.40 8.94 14.93
N ALA B 233 -14.82 7.89 14.23
CA ALA B 233 -15.24 6.65 14.90
C ALA B 233 -14.13 5.97 15.67
N LEU B 234 -12.93 5.96 15.09
CA LEU B 234 -11.77 5.33 15.71
C LEU B 234 -11.35 6.12 16.96
N ALA B 235 -11.37 7.45 16.84
CA ALA B 235 -11.02 8.35 17.93
C ALA B 235 -12.01 8.23 19.11
N GLN B 236 -13.29 8.13 18.78
CA GLN B 236 -14.36 7.99 19.78
C GLN B 236 -14.27 6.63 20.48
N ASN B 237 -13.61 5.68 19.83
CA ASN B 237 -13.45 4.34 20.39
C ASN B 237 -12.18 4.20 21.23
N GLY B 238 -11.52 5.32 21.51
CA GLY B 238 -10.32 5.28 22.33
C GLY B 238 -8.97 5.56 21.72
N ALA B 239 -8.87 5.62 20.39
CA ALA B 239 -7.59 5.87 19.72
C ALA B 239 -6.88 7.15 20.21
N LYS B 240 -5.68 6.97 20.74
CA LYS B 240 -4.86 8.08 21.25
C LYS B 240 -4.18 8.82 20.09
N ALA B 241 -3.98 8.11 18.98
CA ALA B 241 -3.38 8.68 17.79
C ALA B 241 -3.94 7.97 16.58
N LEU B 242 -4.09 8.70 15.48
CA LEU B 242 -4.60 8.12 14.25
C LEU B 242 -3.57 8.23 13.14
N ILE B 243 -3.36 7.11 12.45
CA ILE B 243 -2.43 7.10 11.33
C ILE B 243 -3.28 7.36 10.06
N HIS B 244 -3.06 8.52 9.46
CA HIS B 244 -3.72 8.92 8.23
C HIS B 244 -3.00 8.29 7.02
N ALA B 245 -3.59 7.26 6.43
CA ALA B 245 -3.01 6.59 5.27
C ALA B 245 -3.44 7.33 4.01
N GLY B 246 -2.88 8.53 3.83
CA GLY B 246 -3.25 9.37 2.71
C GLY B 246 -2.78 9.00 1.32
N THR B 247 -3.30 9.75 0.35
CA THR B 247 -2.94 9.57 -1.05
C THR B 247 -1.66 10.39 -1.24
N GLY B 248 -0.85 10.00 -2.22
CA GLY B 248 0.38 10.72 -2.48
C GLY B 248 1.25 10.99 -1.26
N ASN B 249 1.67 12.24 -1.13
CA ASN B 249 2.54 12.66 -0.04
C ASN B 249 1.77 12.96 1.27
N GLY B 250 1.10 11.95 1.80
CA GLY B 250 0.32 12.10 3.03
C GLY B 250 -0.75 13.17 2.91
N SER B 251 -1.30 13.33 1.71
CA SER B 251 -2.32 14.33 1.43
C SER B 251 -3.62 14.10 2.18
N VAL B 252 -4.28 15.20 2.55
CA VAL B 252 -5.55 15.14 3.25
C VAL B 252 -6.64 15.88 2.46
N SER B 253 -7.78 15.21 2.25
CA SER B 253 -8.90 15.82 1.54
C SER B 253 -9.40 17.05 2.29
N SER B 254 -9.77 18.09 1.54
CA SER B 254 -10.27 19.33 2.12
C SER B 254 -11.43 19.16 3.10
N ARG B 255 -12.27 18.15 2.86
CA ARG B 255 -13.41 17.90 3.73
C ARG B 255 -13.07 16.98 4.91
N VAL B 256 -11.81 16.61 5.04
CA VAL B 256 -11.38 15.75 6.15
C VAL B 256 -10.48 16.54 7.08
N VAL B 257 -9.91 17.64 6.57
CA VAL B 257 -9.02 18.49 7.35
C VAL B 257 -9.67 19.01 8.64
N PRO B 258 -10.91 19.52 8.58
CA PRO B 258 -11.57 20.02 9.79
C PRO B 258 -11.64 18.99 10.91
N ALA B 259 -12.05 17.76 10.57
CA ALA B 259 -12.15 16.68 11.55
C ALA B 259 -10.80 16.41 12.21
N LEU B 260 -9.75 16.42 11.39
CA LEU B 260 -8.39 16.18 11.88
C LEU B 260 -7.90 17.26 12.80
N GLN B 261 -8.30 18.50 12.52
CA GLN B 261 -7.90 19.63 13.34
C GLN B 261 -8.56 19.56 14.71
N GLN B 262 -9.87 19.32 14.75
CA GLN B 262 -10.57 19.23 16.02
C GLN B 262 -10.17 17.99 16.80
N LEU B 263 -9.80 16.94 16.08
CA LEU B 263 -9.37 15.69 16.71
C LEU B 263 -8.04 15.94 17.41
N ARG B 264 -7.21 16.79 16.80
CA ARG B 264 -5.90 17.16 17.34
C ARG B 264 -6.11 18.04 18.58
N LYS B 265 -7.03 19.00 18.47
CA LYS B 265 -7.34 19.90 19.58
C LYS B 265 -7.87 19.13 20.77
N ASN B 266 -8.49 17.98 20.50
CA ASN B 266 -9.04 17.13 21.56
C ASN B 266 -8.03 16.13 22.13
N GLY B 267 -6.75 16.30 21.79
CA GLY B 267 -5.72 15.41 22.32
C GLY B 267 -5.25 14.24 21.48
N THR B 268 -5.86 14.04 20.31
CA THR B 268 -5.47 12.93 19.44
C THR B 268 -4.34 13.37 18.51
N GLN B 269 -3.25 12.61 18.51
CA GLN B 269 -2.11 12.88 17.66
C GLN B 269 -2.45 12.46 16.23
N ILE B 270 -2.20 13.37 15.27
CA ILE B 270 -2.47 13.10 13.86
C ILE B 270 -1.15 12.88 13.13
N ILE B 271 -0.92 11.64 12.69
CA ILE B 271 0.30 11.26 12.00
C ILE B 271 0.04 10.96 10.51
N ARG B 272 0.63 11.77 9.63
CA ARG B 272 0.46 11.61 8.19
C ARG B 272 1.38 10.59 7.51
N SER B 273 0.79 9.49 7.06
CA SER B 273 1.50 8.43 6.35
C SER B 273 0.83 8.39 4.96
N SER B 274 1.03 7.31 4.20
CA SER B 274 0.40 7.19 2.88
C SER B 274 0.30 5.77 2.39
N HIS B 275 -0.44 5.57 1.29
CA HIS B 275 -0.55 4.26 0.69
C HIS B 275 0.27 4.23 -0.61
N VAL B 276 1.40 4.92 -0.57
CA VAL B 276 2.37 5.03 -1.67
C VAL B 276 3.62 4.48 -0.97
N ASN B 277 3.66 3.16 -0.85
CA ASN B 277 4.70 2.47 -0.10
C ASN B 277 5.85 1.73 -0.81
N GLN B 278 6.08 2.02 -2.08
CA GLN B 278 7.17 1.34 -2.77
C GLN B 278 8.44 2.16 -2.56
N GLY B 279 8.28 3.48 -2.41
CA GLY B 279 9.43 4.34 -2.21
C GLY B 279 9.12 5.80 -1.93
N GLY B 280 10.17 6.54 -1.58
CA GLY B 280 10.02 7.96 -1.28
C GLY B 280 9.57 8.14 0.16
N PHE B 281 9.12 9.34 0.49
CA PHE B 281 8.66 9.62 1.84
C PHE B 281 7.75 10.84 1.91
N VAL B 282 7.01 10.95 3.02
CA VAL B 282 6.10 12.07 3.23
C VAL B 282 6.89 13.21 3.87
N LEU B 283 6.90 14.36 3.20
CA LEU B 283 7.61 15.56 3.62
C LEU B 283 6.77 16.46 4.53
N ARG B 284 7.35 16.90 5.65
CA ARG B 284 6.64 17.77 6.58
C ARG B 284 6.39 19.13 5.96
N ASN B 285 5.18 19.65 6.16
CA ASN B 285 4.77 20.96 5.64
C ASN B 285 4.63 21.05 4.14
N ALA B 286 4.73 19.92 3.45
CA ALA B 286 4.63 19.92 1.99
C ALA B 286 3.17 19.97 1.53
N GLU B 287 2.43 18.90 1.80
CA GLU B 287 1.03 18.83 1.41
C GLU B 287 0.08 19.53 2.38
N GLN B 288 0.46 19.60 3.65
CA GLN B 288 -0.36 20.22 4.67
C GLN B 288 0.50 20.97 5.68
N PRO B 289 -0.01 22.08 6.26
CA PRO B 289 0.79 22.85 7.24
C PRO B 289 0.81 22.12 8.58
N ASP B 290 1.76 21.20 8.72
CA ASP B 290 1.90 20.41 9.93
C ASP B 290 2.28 21.25 11.14
N ASP B 291 3.01 22.33 10.92
CA ASP B 291 3.42 23.22 12.01
C ASP B 291 2.21 23.98 12.53
N LYS B 292 1.47 24.56 11.59
CA LYS B 292 0.26 25.33 11.86
C LYS B 292 -0.78 24.48 12.62
N ASN B 293 -1.02 23.27 12.12
CA ASN B 293 -1.99 22.35 12.72
C ASN B 293 -1.41 21.45 13.80
N ASP B 294 -0.10 21.49 13.97
CA ASP B 294 0.60 20.66 14.96
C ASP B 294 0.44 19.17 14.68
N TRP B 295 0.68 18.79 13.43
CA TRP B 295 0.57 17.40 13.01
C TRP B 295 1.96 16.78 12.89
N VAL B 296 2.00 15.46 12.80
CA VAL B 296 3.25 14.71 12.68
C VAL B 296 3.28 13.94 11.36
N VAL B 297 4.44 13.93 10.72
CA VAL B 297 4.64 13.21 9.46
C VAL B 297 5.39 11.90 9.73
N ALA B 298 4.98 10.83 9.07
CA ALA B 298 5.56 9.52 9.27
C ALA B 298 6.82 9.21 8.46
N HIS B 299 7.31 10.21 7.72
CA HIS B 299 8.52 10.07 6.92
C HIS B 299 8.35 9.00 5.83
N ASP B 300 9.14 7.92 5.89
CA ASP B 300 9.08 6.83 4.91
C ASP B 300 8.29 5.61 5.37
N LEU B 301 7.90 5.58 6.64
CA LEU B 301 7.18 4.45 7.23
C LEU B 301 5.76 4.26 6.67
N ASN B 302 5.41 3.01 6.35
CA ASN B 302 4.05 2.74 5.85
C ASN B 302 3.07 2.86 7.02
N PRO B 303 1.74 2.85 6.76
CA PRO B 303 0.76 2.97 7.84
C PRO B 303 0.95 2.04 9.03
N GLU B 304 1.08 0.74 8.76
CA GLU B 304 1.24 -0.24 9.83
C GLU B 304 2.55 -0.07 10.61
N LYS B 305 3.59 0.42 9.93
CA LYS B 305 4.89 0.66 10.59
C LYS B 305 4.74 1.88 11.48
N ALA B 306 4.14 2.93 10.90
CA ALA B 306 3.91 4.20 11.58
C ALA B 306 3.11 3.99 12.87
N ARG B 307 2.16 3.06 12.84
CA ARG B 307 1.34 2.76 14.00
C ARG B 307 2.20 2.19 15.12
N ILE B 308 3.07 1.25 14.77
CA ILE B 308 3.98 0.60 15.72
C ILE B 308 4.87 1.62 16.41
N LEU B 309 5.46 2.53 15.63
CA LEU B 309 6.34 3.55 16.18
C LEU B 309 5.56 4.52 17.05
N ALA B 310 4.35 4.87 16.63
CA ALA B 310 3.48 5.77 17.40
C ALA B 310 3.19 5.17 18.77
N MET B 311 2.74 3.91 18.79
CA MET B 311 2.44 3.22 20.04
C MET B 311 3.59 3.31 21.02
N VAL B 312 4.77 2.92 20.56
CA VAL B 312 5.98 2.94 21.37
C VAL B 312 6.40 4.33 21.83
N ALA B 313 6.46 5.28 20.91
CA ALA B 313 6.87 6.65 21.23
C ALA B 313 5.98 7.32 22.29
N MET B 314 4.69 7.03 22.22
CA MET B 314 3.71 7.59 23.15
C MET B 314 3.79 7.05 24.57
N THR B 315 4.55 5.98 24.80
CA THR B 315 4.69 5.46 26.14
C THR B 315 5.77 6.29 26.83
N LYS B 316 6.33 7.25 26.09
CA LYS B 316 7.38 8.12 26.61
C LYS B 316 7.10 9.60 26.43
N THR B 317 6.30 9.96 25.42
CA THR B 317 6.01 11.35 25.15
C THR B 317 4.70 11.59 24.40
N GLN B 318 3.99 12.65 24.79
CA GLN B 318 2.72 13.04 24.15
C GLN B 318 2.97 14.38 23.46
N ASP B 319 4.25 14.73 23.33
CA ASP B 319 4.69 15.95 22.68
C ASP B 319 4.86 15.67 21.20
N SER B 320 4.20 16.48 20.37
CA SER B 320 4.22 16.34 18.91
C SER B 320 5.57 16.66 18.28
N LYS B 321 6.28 17.64 18.83
CA LYS B 321 7.58 18.01 18.29
C LYS B 321 8.56 16.88 18.56
N GLU B 322 8.43 16.24 19.71
CA GLU B 322 9.29 15.11 20.07
C GLU B 322 8.89 13.87 19.30
N LEU B 323 7.59 13.77 19.00
CA LEU B 323 7.07 12.64 18.25
C LEU B 323 7.61 12.76 16.83
N GLN B 324 7.67 13.99 16.32
CA GLN B 324 8.19 14.25 14.98
C GLN B 324 9.67 13.89 14.92
N ARG B 325 10.41 14.24 15.98
CA ARG B 325 11.83 13.95 16.05
C ARG B 325 12.07 12.43 16.07
N ILE B 326 11.18 11.71 16.73
CA ILE B 326 11.25 10.25 16.82
C ILE B 326 10.99 9.61 15.45
N PHE B 327 10.07 10.18 14.68
CA PHE B 327 9.75 9.67 13.35
C PHE B 327 10.87 9.96 12.35
N TRP B 328 11.79 10.82 12.75
CA TRP B 328 12.91 11.19 11.91
C TRP B 328 14.22 10.49 12.29
N GLU B 329 14.20 9.76 13.40
CA GLU B 329 15.38 9.06 13.89
C GLU B 329 15.28 7.54 13.91
N TYR B 330 14.06 7.03 14.01
CA TYR B 330 13.83 5.60 14.06
C TYR B 330 13.25 5.04 12.77
#